data_4B90
#
_entry.id   4B90
#
_cell.length_a   90.150
_cell.length_b   90.150
_cell.length_c   247.760
_cell.angle_alpha   90.00
_cell.angle_beta   90.00
_cell.angle_gamma   90.00
#
_symmetry.space_group_name_H-M   'P 41 21 2'
#
loop_
_entity.id
_entity.type
_entity.pdbx_description
1 polymer 'DIHYDROPYRIMIDINASE-RELATED PROTEIN 5'
2 non-polymer 1,2-ETHANEDIOL
3 water water
#
_entity_poly.entity_id   1
_entity_poly.type   'polypeptide(L)'
_entity_poly.pdbx_seq_one_letter_code
;MHHHHHHSSGVDLGTENLYFQSMLANSASVRILIKGGKVVNDDCTHEADVYIENGIIQQVGRELMIPGGAKVIDATGKLV
IPGGIDTSTHFHQTFMNATCVDDFYHGTKAALVGGTTMIIGHVLPDKETSLVDAYEKCRGLADPKVCCDYALHVGITWWA
PKVKAEMETLVREKGVNSFQMFMTYKDLYMLRDSELYQVLHACKDIGAIARVHAENGELVAEGAKEALDLGITGPEGIEI
SRPEELEAEATHRVITIANRTHCPIYLVNVSSISAGDVIAAAKMQGKVVLAETTTAHATLTGLHYYHQDWSHAAAYVTVP
PLRLDTNTSTYLMSLLANDTLNIVASDHRPFTTKQKAMGKEDFTKIPHGVSGVQDRMSVIWERGVVGGKMDENRFVAVTS
SNAAKLLNLYPRKGRIIPGADADVVVWDPEATKTISASTQVQGGDFNLYENMRCHGVPLVTISRGRVVYENGVFMCAEGT
GKFCPLRSFPDTVYKKLVQREKTLKVRGVDRTPYLGDVAVVVHPGKKEMGTPLADTPTRPVTRHGGMRDLHESSFSLSGS
QIDDHVPKRASARILAPPGGRSSGIW
;
_entity_poly.pdbx_strand_id   A,B
#
loop_
_chem_comp.id
_chem_comp.type
_chem_comp.name
_chem_comp.formula
EDO non-polymer 1,2-ETHANEDIOL 'C2 H6 O2'
#
# COMPACT_ATOMS: atom_id res chain seq x y z
N SER A 29 33.23 38.27 -25.48
CA SER A 29 31.86 37.93 -24.96
C SER A 29 30.75 38.19 -25.98
N VAL A 30 29.72 37.36 -25.96
CA VAL A 30 28.55 37.69 -26.76
C VAL A 30 27.49 38.30 -25.81
N ARG A 31 26.84 39.32 -26.33
CA ARG A 31 26.05 40.23 -25.55
C ARG A 31 24.73 40.24 -26.25
N ILE A 32 23.68 39.99 -25.48
CA ILE A 32 22.35 39.81 -26.02
C ILE A 32 21.34 40.63 -25.23
N LEU A 33 20.52 41.36 -25.96
CA LEU A 33 19.37 42.10 -25.40
C LEU A 33 18.07 41.52 -25.90
N ILE A 34 17.23 41.07 -24.98
CA ILE A 34 15.92 40.61 -25.30
C ILE A 34 14.98 41.74 -24.85
N LYS A 35 14.31 42.29 -25.85
CA LYS A 35 13.63 43.55 -25.75
C LYS A 35 12.15 43.39 -25.98
N GLY A 36 11.35 44.06 -25.15
CA GLY A 36 9.93 44.22 -25.42
C GLY A 36 9.04 43.08 -24.96
N GLY A 37 9.60 42.08 -24.27
CA GLY A 37 8.82 40.91 -23.89
C GLY A 37 8.32 40.97 -22.42
N LYS A 38 7.56 39.94 -22.02
CA LYS A 38 7.19 39.76 -20.63
C LYS A 38 7.99 38.68 -20.02
N VAL A 39 8.65 38.98 -18.91
CA VAL A 39 9.37 37.98 -18.16
C VAL A 39 8.40 37.20 -17.34
N VAL A 40 8.42 35.88 -17.51
CA VAL A 40 7.62 34.95 -16.77
C VAL A 40 8.47 34.00 -15.93
N ASN A 41 8.47 34.20 -14.63
CA ASN A 41 9.02 33.33 -13.62
C ASN A 41 7.90 32.54 -12.98
N ASP A 42 8.21 31.63 -12.05
CA ASP A 42 7.18 30.85 -11.49
C ASP A 42 6.28 31.61 -10.49
N ASP A 43 6.71 32.80 -10.08
CA ASP A 43 5.99 33.58 -9.07
C ASP A 43 5.16 34.66 -9.69
N CYS A 44 5.66 35.30 -10.73
CA CYS A 44 4.92 36.32 -11.45
C CYS A 44 5.52 36.69 -12.79
N THR A 45 4.74 37.43 -13.51
CA THR A 45 5.05 37.90 -14.83
C THR A 45 5.21 39.40 -14.76
N HIS A 46 6.25 39.93 -15.34
CA HIS A 46 6.29 41.39 -15.58
C HIS A 46 6.95 41.73 -16.88
N GLU A 47 6.52 42.87 -17.40
CA GLU A 47 7.12 43.48 -18.54
C GLU A 47 8.54 43.94 -18.28
N ALA A 48 9.50 43.46 -19.08
CA ALA A 48 10.88 43.81 -18.86
C ALA A 48 11.74 43.28 -19.98
N ASP A 49 12.79 44.03 -20.26
CA ASP A 49 13.86 43.57 -21.08
C ASP A 49 14.91 42.84 -20.28
N VAL A 50 15.71 42.04 -20.99
CA VAL A 50 16.73 41.20 -20.39
C VAL A 50 18.06 41.34 -21.13
N TYR A 51 19.12 41.58 -20.39
CA TYR A 51 20.41 41.77 -20.96
C TYR A 51 21.32 40.67 -20.47
N ILE A 52 21.96 40.03 -21.42
CA ILE A 52 22.80 38.87 -21.14
C ILE A 52 24.25 39.16 -21.59
N GLU A 53 25.21 38.75 -20.76
CA GLU A 53 26.61 38.83 -21.14
C GLU A 53 27.40 37.79 -20.40
N ASN A 54 28.33 37.18 -21.12
CA ASN A 54 29.22 36.18 -20.56
C ASN A 54 28.49 35.09 -19.85
N GLY A 55 27.48 34.53 -20.50
CA GLY A 55 26.82 33.31 -19.98
C GLY A 55 25.77 33.60 -18.92
N ILE A 56 25.60 34.85 -18.55
CA ILE A 56 24.93 35.23 -17.29
C ILE A 56 23.90 36.31 -17.57
N ILE A 57 22.74 36.29 -16.91
CA ILE A 57 21.80 37.46 -17.04
C ILE A 57 22.37 38.64 -16.25
N GLN A 58 22.58 39.79 -16.88
CA GLN A 58 23.24 40.92 -16.18
C GLN A 58 22.21 41.85 -15.57
N GLN A 59 21.16 42.13 -16.34
CA GLN A 59 20.12 43.06 -15.99
C GLN A 59 18.77 42.57 -16.53
N VAL A 60 17.73 42.93 -15.79
CA VAL A 60 16.35 42.72 -16.12
C VAL A 60 15.67 44.01 -15.67
N GLY A 61 15.00 44.71 -16.56
CA GLY A 61 14.22 45.85 -16.15
C GLY A 61 13.57 46.40 -17.36
N ARG A 62 12.90 47.53 -17.17
CA ARG A 62 12.10 48.09 -18.24
C ARG A 62 12.88 48.92 -19.25
N GLU A 63 13.90 49.66 -18.85
CA GLU A 63 14.58 50.56 -19.80
C GLU A 63 16.10 50.57 -19.70
N LEU A 64 16.76 49.54 -20.22
CA LEU A 64 18.13 49.31 -19.82
C LEU A 64 19.21 50.19 -20.51
N MET A 65 20.27 50.48 -19.75
CA MET A 65 21.45 51.16 -20.28
C MET A 65 22.54 50.14 -20.57
N ILE A 66 22.72 49.84 -21.85
CA ILE A 66 23.62 48.75 -22.20
C ILE A 66 24.66 49.24 -23.18
N PRO A 67 25.85 48.59 -23.17
CA PRO A 67 26.79 48.83 -24.26
C PRO A 67 26.15 48.58 -25.66
N GLY A 68 26.52 49.42 -26.64
CA GLY A 68 26.06 49.24 -28.01
C GLY A 68 26.68 47.99 -28.62
N GLY A 69 26.18 47.57 -29.78
CA GLY A 69 26.70 46.37 -30.46
C GLY A 69 26.20 45.03 -29.92
N ALA A 70 25.14 45.04 -29.08
CA ALA A 70 24.50 43.80 -28.63
C ALA A 70 23.67 43.17 -29.75
N LYS A 71 23.53 41.86 -29.74
CA LYS A 71 22.51 41.26 -30.56
C LYS A 71 21.14 41.53 -29.90
N VAL A 72 20.23 42.17 -30.64
CA VAL A 72 18.92 42.54 -30.17
C VAL A 72 17.93 41.49 -30.68
N ILE A 73 17.18 40.88 -29.75
CA ILE A 73 16.11 39.95 -30.07
C ILE A 73 14.80 40.60 -29.73
N ASP A 74 13.95 40.75 -30.74
CA ASP A 74 12.65 41.40 -30.52
C ASP A 74 11.60 40.40 -29.98
N ALA A 75 11.23 40.57 -28.74
CA ALA A 75 10.32 39.69 -28.05
C ALA A 75 8.96 40.31 -27.78
N THR A 76 8.61 41.26 -28.61
CA THR A 76 7.31 41.89 -28.49
C THR A 76 6.25 40.84 -28.71
N GLY A 77 5.26 40.77 -27.82
CA GLY A 77 4.19 39.78 -27.83
C GLY A 77 4.63 38.39 -27.36
N LYS A 78 5.89 38.28 -26.92
CA LYS A 78 6.41 37.01 -26.48
C LYS A 78 6.62 36.98 -24.97
N LEU A 79 6.83 35.79 -24.45
CA LEU A 79 7.18 35.58 -23.06
C LEU A 79 8.66 35.15 -23.01
N VAL A 80 9.36 35.63 -22.01
CA VAL A 80 10.74 35.31 -21.82
C VAL A 80 10.79 34.45 -20.60
N ILE A 81 11.07 33.19 -20.78
CA ILE A 81 10.97 32.23 -19.68
C ILE A 81 12.31 31.53 -19.43
N PRO A 82 12.47 30.93 -18.26
CA PRO A 82 13.67 30.13 -18.03
C PRO A 82 13.58 28.90 -18.94
N GLY A 83 14.68 28.50 -19.55
CA GLY A 83 14.67 27.29 -20.40
C GLY A 83 14.17 26.12 -19.60
N GLY A 84 13.53 25.19 -20.26
CA GLY A 84 13.01 24.00 -19.60
C GLY A 84 14.14 23.17 -19.02
N ILE A 85 13.86 22.48 -17.91
CA ILE A 85 14.83 21.54 -17.36
C ILE A 85 14.12 20.18 -17.36
N ASP A 86 14.62 19.22 -18.12
CA ASP A 86 13.98 17.91 -18.23
C ASP A 86 14.70 16.95 -17.31
N THR A 87 14.02 16.59 -16.23
CA THR A 87 14.56 15.76 -15.19
C THR A 87 14.64 14.22 -15.50
N SER A 88 14.18 13.78 -16.64
CA SER A 88 14.29 12.37 -16.98
C SER A 88 14.52 12.16 -18.48
N THR A 89 15.77 11.82 -18.80
CA THR A 89 16.17 11.51 -20.21
C THR A 89 17.07 10.26 -20.27
N HIS A 90 17.06 9.56 -21.39
CA HIS A 90 17.80 8.32 -21.50
C HIS A 90 18.61 8.31 -22.81
N PHE A 91 19.34 9.40 -23.11
CA PHE A 91 20.16 9.44 -24.32
C PHE A 91 21.20 8.31 -24.29
N HIS A 92 21.42 7.71 -25.46
CA HIS A 92 22.43 6.68 -25.66
C HIS A 92 22.26 5.41 -24.81
N GLN A 93 21.08 5.20 -24.21
CA GLN A 93 20.96 4.11 -23.29
C GLN A 93 20.56 2.83 -24.04
N THR A 94 21.18 1.72 -23.65
CA THR A 94 20.71 0.43 -24.06
C THR A 94 19.81 -0.14 -23.03
N PHE A 95 18.66 -0.61 -23.42
CA PHE A 95 17.66 -1.01 -22.44
C PHE A 95 16.68 -2.02 -23.06
N MET A 96 16.48 -3.16 -22.38
CA MET A 96 15.71 -4.26 -22.90
C MET A 96 16.23 -4.62 -24.31
N ASN A 97 17.56 -4.64 -24.46
CA ASN A 97 18.26 -5.03 -25.67
C ASN A 97 18.05 -4.13 -26.84
N ALA A 98 17.66 -2.86 -26.61
CA ALA A 98 17.63 -1.88 -27.71
C ALA A 98 18.33 -0.63 -27.31
N THR A 99 19.01 -0.02 -28.26
CA THR A 99 19.73 1.17 -27.96
C THR A 99 18.93 2.38 -28.37
N CYS A 100 18.68 3.30 -27.43
CA CYS A 100 17.98 4.53 -27.73
C CYS A 100 18.61 5.19 -28.96
N VAL A 101 17.77 5.69 -29.85
CA VAL A 101 18.20 6.27 -31.14
C VAL A 101 18.81 7.65 -31.02
N ASP A 102 18.60 8.35 -29.90
CA ASP A 102 19.23 9.64 -29.67
C ASP A 102 20.40 9.51 -28.74
N ASP A 103 21.56 9.92 -29.23
CA ASP A 103 22.75 10.07 -28.42
C ASP A 103 22.67 11.47 -27.76
N PHE A 104 23.73 11.87 -27.07
CA PHE A 104 23.68 13.10 -26.30
C PHE A 104 23.71 14.30 -27.18
N TYR A 105 24.26 14.19 -28.38
CA TYR A 105 24.25 15.34 -29.26
C TYR A 105 22.81 15.56 -29.79
N HIS A 106 22.24 14.53 -30.44
CA HIS A 106 20.91 14.69 -31.03
C HIS A 106 19.81 14.94 -29.99
N GLY A 107 19.93 14.31 -28.84
CA GLY A 107 19.01 14.46 -27.77
C GLY A 107 19.04 15.87 -27.19
N THR A 108 20.23 16.43 -26.95
CA THR A 108 20.31 17.82 -26.45
C THR A 108 19.92 18.83 -27.53
N LYS A 109 20.22 18.52 -28.79
CA LYS A 109 19.76 19.38 -29.90
C LYS A 109 18.25 19.44 -29.91
N ALA A 110 17.64 18.26 -29.86
CA ALA A 110 16.22 18.18 -29.84
C ALA A 110 15.63 18.92 -28.62
N ALA A 111 16.25 18.75 -27.48
CA ALA A 111 15.76 19.45 -26.27
C ALA A 111 15.74 20.94 -26.51
N LEU A 112 16.84 21.46 -27.03
CA LEU A 112 16.99 22.86 -27.27
C LEU A 112 15.98 23.40 -28.27
N VAL A 113 15.80 22.66 -29.35
CA VAL A 113 14.84 23.09 -30.34
C VAL A 113 13.42 23.11 -29.72
N GLY A 114 13.22 22.33 -28.67
CA GLY A 114 11.94 22.26 -27.98
C GLY A 114 11.79 23.17 -26.76
N GLY A 115 12.79 23.98 -26.50
CA GLY A 115 12.74 24.95 -25.39
C GLY A 115 13.28 24.44 -24.07
N THR A 116 13.96 23.31 -24.10
CA THR A 116 14.62 22.76 -22.91
C THR A 116 16.13 22.99 -23.01
N THR A 117 16.71 23.48 -21.93
CA THR A 117 18.07 23.96 -21.90
C THR A 117 18.90 23.23 -20.89
N MET A 118 18.30 22.34 -20.12
CA MET A 118 19.09 21.40 -19.32
C MET A 118 18.40 20.07 -19.29
N ILE A 119 19.19 18.99 -19.38
CA ILE A 119 18.67 17.67 -19.23
C ILE A 119 19.38 16.97 -18.10
N ILE A 120 18.67 16.06 -17.45
CA ILE A 120 19.28 15.15 -16.52
C ILE A 120 19.10 13.78 -17.13
N GLY A 121 20.21 13.05 -17.28
CA GLY A 121 20.20 11.71 -17.88
C GLY A 121 20.25 10.67 -16.78
N HIS A 122 19.90 9.46 -17.13
CA HIS A 122 19.92 8.35 -16.22
C HIS A 122 21.18 7.53 -16.43
N VAL A 123 21.75 7.08 -15.33
CA VAL A 123 22.77 6.05 -15.32
C VAL A 123 22.11 4.78 -14.76
N LEU A 124 22.29 3.66 -15.45
CA LEU A 124 21.66 2.41 -15.07
C LEU A 124 22.62 1.22 -15.10
N PRO A 125 23.32 0.99 -14.01
CA PRO A 125 24.20 -0.17 -13.97
C PRO A 125 23.40 -1.47 -13.83
N ASP A 126 23.86 -2.50 -14.50
CA ASP A 126 23.35 -3.86 -14.30
C ASP A 126 23.51 -4.22 -12.84
N LYS A 127 22.64 -5.06 -12.37
CA LYS A 127 22.70 -5.48 -11.00
C LYS A 127 24.06 -6.15 -10.77
N GLU A 128 24.59 -5.90 -9.56
CA GLU A 128 25.90 -6.34 -9.13
C GLU A 128 27.10 -5.70 -9.83
N THR A 129 26.90 -4.65 -10.60
CA THR A 129 28.03 -3.92 -11.21
C THR A 129 28.10 -2.52 -10.67
N SER A 130 29.23 -1.91 -10.97
CA SER A 130 29.68 -0.74 -10.27
C SER A 130 28.88 0.51 -10.73
N LEU A 131 28.30 1.22 -9.76
CA LEU A 131 27.59 2.47 -10.06
C LEU A 131 28.59 3.48 -10.62
N VAL A 132 29.78 3.50 -10.05
CA VAL A 132 30.76 4.47 -10.51
C VAL A 132 31.11 4.22 -11.98
N ASP A 133 31.32 2.96 -12.34
CA ASP A 133 31.75 2.71 -13.74
C ASP A 133 30.65 3.18 -14.69
N ALA A 134 29.42 2.86 -14.35
CA ALA A 134 28.36 3.17 -15.25
C ALA A 134 28.24 4.72 -15.39
N TYR A 135 28.45 5.45 -14.31
CA TYR A 135 28.47 6.94 -14.33
C TYR A 135 29.59 7.45 -15.23
N GLU A 136 30.80 6.95 -15.03
CA GLU A 136 31.94 7.36 -15.86
C GLU A 136 31.74 7.05 -17.35
N LYS A 137 31.14 5.91 -17.69
CA LYS A 137 30.87 5.67 -19.12
C LYS A 137 29.86 6.71 -19.69
N CYS A 138 28.88 7.07 -18.88
N CYS A 138 28.87 7.06 -18.88
CA CYS A 138 27.88 8.01 -19.33
CA CYS A 138 27.86 8.00 -19.30
C CYS A 138 28.54 9.39 -19.49
C CYS A 138 28.52 9.39 -19.48
N ARG A 139 29.34 9.80 -18.52
CA ARG A 139 30.10 11.00 -18.68
C ARG A 139 30.89 11.00 -19.98
N GLY A 140 31.54 9.88 -20.34
CA GLY A 140 32.29 9.80 -21.61
C GLY A 140 31.49 9.93 -22.89
N LEU A 141 30.29 9.41 -22.89
CA LEU A 141 29.38 9.63 -23.99
C LEU A 141 28.79 11.05 -24.05
N ALA A 142 28.68 11.71 -22.90
CA ALA A 142 27.99 12.99 -22.86
C ALA A 142 28.89 14.19 -22.98
N ASP A 143 30.02 14.19 -22.26
CA ASP A 143 30.80 15.39 -22.17
C ASP A 143 31.22 15.94 -23.51
N PRO A 144 31.58 15.05 -24.46
CA PRO A 144 32.07 15.55 -25.76
C PRO A 144 30.95 15.91 -26.71
N LYS A 145 29.72 15.59 -26.34
CA LYS A 145 28.61 15.71 -27.29
C LYS A 145 27.53 16.75 -26.93
N VAL A 146 27.26 16.92 -25.63
CA VAL A 146 26.11 17.69 -25.20
C VAL A 146 26.16 19.10 -25.80
N CYS A 147 24.98 19.57 -26.24
CA CYS A 147 24.78 20.96 -26.69
C CYS A 147 24.33 21.90 -25.58
N CYS A 148 23.73 21.36 -24.52
CA CYS A 148 23.25 22.16 -23.38
C CYS A 148 23.77 21.58 -22.07
N ASP A 149 23.60 22.30 -20.98
CA ASP A 149 24.03 21.81 -19.68
C ASP A 149 23.30 20.55 -19.29
N TYR A 150 23.92 19.72 -18.46
CA TYR A 150 23.31 18.46 -18.09
C TYR A 150 23.84 17.99 -16.81
N ALA A 151 23.15 17.03 -16.20
CA ALA A 151 23.71 16.28 -15.07
C ALA A 151 23.14 14.91 -15.14
N LEU A 152 23.42 14.07 -14.15
CA LEU A 152 23.00 12.67 -14.19
C LEU A 152 22.42 12.20 -12.88
N HIS A 153 21.39 11.38 -12.97
CA HIS A 153 20.89 10.54 -11.85
C HIS A 153 21.63 9.21 -11.88
N VAL A 154 21.81 8.57 -10.73
CA VAL A 154 22.44 7.23 -10.78
C VAL A 154 21.49 6.21 -10.25
N GLY A 155 21.28 5.17 -11.05
CA GLY A 155 20.47 4.03 -10.68
C GLY A 155 21.13 3.16 -9.61
N ILE A 156 20.33 2.76 -8.62
CA ILE A 156 20.71 1.84 -7.57
C ILE A 156 19.88 0.61 -7.80
N THR A 157 20.47 -0.33 -8.53
CA THR A 157 19.78 -1.49 -9.03
C THR A 157 20.08 -2.75 -8.26
N TRP A 158 20.83 -2.57 -7.19
CA TRP A 158 21.05 -3.65 -6.25
C TRP A 158 21.58 -3.04 -4.98
N TRP A 159 21.69 -3.84 -3.94
CA TRP A 159 22.23 -3.40 -2.67
C TRP A 159 23.26 -4.34 -2.04
N ALA A 160 24.28 -3.74 -1.44
CA ALA A 160 25.33 -4.41 -0.70
C ALA A 160 26.09 -3.28 -0.09
N PRO A 161 26.89 -3.56 0.94
CA PRO A 161 27.70 -2.48 1.54
C PRO A 161 28.55 -1.69 0.52
N LYS A 162 29.01 -2.37 -0.50
CA LYS A 162 29.78 -1.78 -1.58
C LYS A 162 29.02 -0.69 -2.42
N VAL A 163 27.72 -0.92 -2.57
CA VAL A 163 26.84 0.07 -3.22
C VAL A 163 26.78 1.31 -2.33
N LYS A 164 26.69 1.14 -1.02
CA LYS A 164 26.67 2.29 -0.10
C LYS A 164 27.90 3.14 -0.28
N ALA A 165 29.07 2.51 -0.30
CA ALA A 165 30.34 3.25 -0.46
C ALA A 165 30.39 4.00 -1.79
N GLU A 166 29.85 3.40 -2.83
CA GLU A 166 29.83 4.08 -4.14
C GLU A 166 28.88 5.32 -4.12
N MET A 167 27.73 5.19 -3.45
CA MET A 167 26.79 6.35 -3.28
C MET A 167 27.50 7.53 -2.63
N GLU A 168 28.34 7.21 -1.68
CA GLU A 168 29.08 8.24 -0.97
C GLU A 168 30.09 8.89 -1.85
N THR A 169 30.83 8.08 -2.61
CA THR A 169 31.81 8.63 -3.56
C THR A 169 31.09 9.54 -4.57
N LEU A 170 30.00 9.08 -5.08
CA LEU A 170 29.27 9.86 -6.08
C LEU A 170 28.77 11.22 -5.60
N VAL A 171 28.26 11.27 -4.37
CA VAL A 171 27.72 12.54 -3.86
C VAL A 171 28.90 13.40 -3.49
N ARG A 172 29.84 12.81 -2.79
CA ARG A 172 30.99 13.59 -2.36
C ARG A 172 31.88 14.10 -3.52
N GLU A 173 32.10 13.31 -4.57
CA GLU A 173 33.06 13.74 -5.56
C GLU A 173 32.61 13.83 -6.99
N LYS A 174 31.44 13.30 -7.32
CA LYS A 174 31.03 13.25 -8.72
C LYS A 174 29.78 14.13 -9.04
N GLY A 175 29.39 15.02 -8.14
CA GLY A 175 28.35 15.97 -8.43
C GLY A 175 26.99 15.34 -8.63
N VAL A 176 26.74 14.28 -7.88
CA VAL A 176 25.50 13.58 -7.91
C VAL A 176 24.76 13.93 -6.61
N ASN A 177 23.47 14.18 -6.70
CA ASN A 177 22.68 14.24 -5.47
C ASN A 177 21.37 13.48 -5.57
N SER A 178 21.26 12.56 -6.52
CA SER A 178 19.97 11.97 -6.78
C SER A 178 20.11 10.56 -7.34
N PHE A 179 19.45 9.59 -6.72
CA PHE A 179 19.54 8.22 -7.15
C PHE A 179 18.18 7.70 -7.55
N GLN A 180 18.18 6.77 -8.51
CA GLN A 180 16.98 6.18 -9.05
C GLN A 180 16.87 4.73 -8.70
N MET A 181 15.73 4.35 -8.15
CA MET A 181 15.47 2.99 -7.76
CA MET A 181 15.45 2.98 -7.74
C MET A 181 14.20 2.49 -8.40
N PHE A 182 14.09 1.15 -8.50
CA PHE A 182 12.93 0.53 -9.08
C PHE A 182 12.34 -0.46 -8.12
N MET A 183 11.02 -0.45 -8.04
CA MET A 183 10.31 -1.50 -7.30
C MET A 183 9.83 -2.63 -8.22
N THR A 184 9.99 -2.46 -9.52
CA THR A 184 9.59 -3.42 -10.52
C THR A 184 10.83 -3.82 -11.35
N TYR A 185 10.65 -4.54 -12.46
CA TYR A 185 11.80 -5.23 -13.21
C TYR A 185 12.45 -6.27 -12.34
N LYS A 186 11.65 -7.23 -11.92
CA LYS A 186 12.14 -8.27 -11.05
C LYS A 186 13.30 -9.00 -11.74
N ASP A 187 14.36 -9.26 -10.98
CA ASP A 187 15.54 -9.98 -11.54
C ASP A 187 16.38 -9.15 -12.45
N LEU A 188 15.99 -7.90 -12.67
CA LEU A 188 16.81 -7.02 -13.41
C LEU A 188 17.24 -5.81 -12.58
N TYR A 189 16.25 -5.04 -12.12
CA TYR A 189 16.56 -3.83 -11.37
C TYR A 189 15.83 -3.70 -10.05
N MET A 190 14.87 -4.58 -9.78
CA MET A 190 14.06 -4.48 -8.60
C MET A 190 14.85 -4.62 -7.30
N LEU A 191 14.51 -3.76 -6.34
CA LEU A 191 14.99 -3.86 -4.98
C LEU A 191 13.86 -4.34 -4.09
N ARG A 192 14.18 -5.23 -3.17
CA ARG A 192 13.19 -5.70 -2.19
C ARG A 192 13.07 -4.71 -1.06
N ASP A 193 12.03 -4.89 -0.27
CA ASP A 193 11.78 -4.02 0.88
C ASP A 193 12.97 -3.76 1.81
N SER A 194 13.71 -4.80 2.27
CA SER A 194 14.85 -4.57 3.20
C SER A 194 15.96 -3.79 2.52
N GLU A 195 16.04 -3.96 1.21
CA GLU A 195 17.04 -3.21 0.45
C GLU A 195 16.68 -1.75 0.27
N LEU A 196 15.41 -1.48 -0.03
CA LEU A 196 14.92 -0.10 -0.10
C LEU A 196 15.09 0.63 1.20
N TYR A 197 14.74 -0.05 2.29
CA TYR A 197 14.98 0.52 3.61
C TYR A 197 16.43 0.99 3.77
N GLN A 198 17.39 0.10 3.46
CA GLN A 198 18.78 0.43 3.66
CA GLN A 198 18.79 0.43 3.67
C GLN A 198 19.19 1.53 2.68
N VAL A 199 18.73 1.46 1.45
CA VAL A 199 19.04 2.45 0.47
C VAL A 199 18.57 3.83 0.84
N LEU A 200 17.35 3.93 1.35
CA LEU A 200 16.77 5.23 1.72
C LEU A 200 17.48 5.77 2.94
N HIS A 201 17.89 4.86 3.80
CA HIS A 201 18.64 5.28 4.98
C HIS A 201 19.95 5.94 4.55
N ALA A 202 20.61 5.31 3.58
CA ALA A 202 21.87 5.86 3.10
C ALA A 202 21.72 7.15 2.29
N CYS A 203 20.68 7.26 1.47
CA CYS A 203 20.47 8.48 0.72
C CYS A 203 20.29 9.65 1.68
N LYS A 204 19.45 9.44 2.67
CA LYS A 204 19.16 10.44 3.66
C LYS A 204 20.45 10.90 4.35
N ASP A 205 21.32 9.96 4.73
CA ASP A 205 22.51 10.34 5.50
C ASP A 205 23.43 11.24 4.68
N ILE A 206 23.43 11.10 3.37
CA ILE A 206 24.31 11.91 2.52
C ILE A 206 23.57 13.02 1.78
N GLY A 207 22.27 13.19 2.07
CA GLY A 207 21.59 14.39 1.54
C GLY A 207 21.18 14.24 0.12
N ALA A 208 20.86 13.03 -0.33
CA ALA A 208 20.49 12.79 -1.71
C ALA A 208 18.99 12.65 -1.81
N ILE A 209 18.49 12.82 -3.02
CA ILE A 209 17.10 12.58 -3.35
C ILE A 209 16.91 11.14 -3.84
N ALA A 210 15.91 10.47 -3.29
CA ALA A 210 15.60 9.09 -3.69
C ALA A 210 14.42 9.04 -4.62
N ARG A 211 14.71 8.92 -5.92
CA ARG A 211 13.72 8.76 -6.95
C ARG A 211 13.35 7.30 -7.01
N VAL A 212 12.05 7.02 -7.13
CA VAL A 212 11.58 5.64 -7.16
C VAL A 212 10.46 5.45 -8.15
N HIS A 213 10.63 4.44 -8.97
CA HIS A 213 9.63 3.93 -9.83
C HIS A 213 8.88 2.83 -9.06
N ALA A 214 7.64 3.15 -8.70
CA ALA A 214 6.84 2.36 -7.78
C ALA A 214 5.69 1.68 -8.48
N GLU A 215 5.99 0.51 -8.98
CA GLU A 215 5.02 -0.54 -9.30
C GLU A 215 5.52 -1.81 -8.56
N ASN A 216 4.58 -2.65 -8.19
CA ASN A 216 4.88 -3.89 -7.51
C ASN A 216 5.46 -4.93 -8.48
N GLY A 217 6.75 -5.13 -8.40
CA GLY A 217 7.44 -5.96 -9.37
C GLY A 217 7.06 -7.40 -9.40
N GLU A 218 6.74 -7.99 -8.25
CA GLU A 218 6.39 -9.40 -8.23
C GLU A 218 5.08 -9.53 -8.97
N LEU A 219 4.18 -8.58 -8.72
CA LEU A 219 2.84 -8.68 -9.31
C LEU A 219 2.89 -8.37 -10.77
N VAL A 220 3.78 -7.48 -11.16
CA VAL A 220 4.00 -7.21 -12.56
C VAL A 220 4.52 -8.46 -13.28
N ALA A 221 5.53 -9.11 -12.71
CA ALA A 221 6.04 -10.38 -13.28
C ALA A 221 4.93 -11.45 -13.43
N GLU A 222 4.17 -11.65 -12.39
CA GLU A 222 3.12 -12.66 -12.45
C GLU A 222 2.05 -12.22 -13.41
N GLY A 223 1.69 -10.93 -13.41
CA GLY A 223 0.65 -10.48 -14.31
C GLY A 223 1.04 -10.71 -15.79
N ALA A 224 2.28 -10.38 -16.12
CA ALA A 224 2.78 -10.48 -17.50
C ALA A 224 2.72 -11.95 -17.92
N LYS A 225 3.30 -12.79 -17.10
CA LYS A 225 3.23 -14.21 -17.34
C LYS A 225 1.79 -14.74 -17.46
N GLU A 226 0.90 -14.31 -16.56
CA GLU A 226 -0.50 -14.75 -16.71
C GLU A 226 -1.19 -14.20 -18.00
N ALA A 227 -1.02 -12.91 -18.31
CA ALA A 227 -1.54 -12.39 -19.59
C ALA A 227 -1.06 -13.18 -20.85
N LEU A 228 0.24 -13.47 -20.95
CA LEU A 228 0.76 -14.29 -22.05
C LEU A 228 0.11 -15.67 -22.12
N ASP A 229 -0.03 -16.33 -20.98
CA ASP A 229 -0.71 -17.61 -20.90
C ASP A 229 -2.16 -17.50 -21.33
N LEU A 230 -2.78 -16.34 -21.15
CA LEU A 230 -4.16 -16.16 -21.62
C LEU A 230 -4.25 -15.77 -23.10
N GLY A 231 -3.13 -15.77 -23.82
CA GLY A 231 -3.12 -15.51 -25.27
C GLY A 231 -3.05 -14.03 -25.62
N ILE A 232 -2.86 -13.16 -24.63
CA ILE A 232 -2.69 -11.76 -24.93
C ILE A 232 -1.23 -11.53 -25.26
N THR A 233 -0.92 -11.27 -26.52
CA THR A 233 0.46 -11.01 -26.96
C THR A 233 0.66 -9.59 -27.49
N GLY A 234 -0.42 -8.90 -27.81
CA GLY A 234 -0.40 -7.54 -28.32
C GLY A 234 0.00 -6.51 -27.26
N PRO A 235 0.37 -5.31 -27.68
CA PRO A 235 0.84 -4.28 -26.81
C PRO A 235 -0.10 -3.96 -25.65
N GLU A 236 -1.42 -4.10 -25.86
CA GLU A 236 -2.41 -3.90 -24.78
C GLU A 236 -2.11 -4.74 -23.54
N GLY A 237 -1.32 -5.79 -23.71
CA GLY A 237 -0.78 -6.57 -22.60
C GLY A 237 -0.13 -5.73 -21.52
N ILE A 238 0.54 -4.65 -21.92
CA ILE A 238 1.25 -3.79 -20.96
C ILE A 238 0.26 -3.11 -20.03
N GLU A 239 -0.92 -2.80 -20.54
CA GLU A 239 -1.98 -2.19 -19.73
CA GLU A 239 -2.00 -2.20 -19.72
C GLU A 239 -2.66 -3.28 -18.89
N ILE A 240 -2.98 -4.42 -19.52
CA ILE A 240 -3.73 -5.48 -18.86
C ILE A 240 -2.97 -6.14 -17.71
N SER A 241 -1.67 -6.33 -17.93
CA SER A 241 -0.84 -7.02 -16.98
C SER A 241 -0.41 -6.18 -15.80
N ARG A 242 -0.48 -4.86 -15.88
CA ARG A 242 -0.09 -4.03 -14.71
C ARG A 242 -1.14 -2.99 -14.39
N PRO A 243 -2.31 -3.43 -13.92
CA PRO A 243 -3.29 -2.41 -13.65
C PRO A 243 -2.86 -1.45 -12.52
N GLU A 244 -3.60 -0.37 -12.35
CA GLU A 244 -3.09 0.72 -11.55
C GLU A 244 -2.97 0.43 -10.08
N GLU A 245 -3.70 -0.55 -9.59
CA GLU A 245 -3.53 -0.92 -8.21
C GLU A 245 -2.08 -1.38 -7.93
N LEU A 246 -1.36 -1.86 -8.95
CA LEU A 246 0.01 -2.31 -8.71
C LEU A 246 0.90 -1.14 -8.43
N GLU A 247 0.55 -0.01 -9.04
CA GLU A 247 1.23 1.25 -8.80
C GLU A 247 0.86 1.87 -7.47
N ALA A 248 -0.44 1.91 -7.18
CA ALA A 248 -0.89 2.49 -5.95
C ALA A 248 -0.30 1.76 -4.78
N GLU A 249 -0.35 0.43 -4.82
CA GLU A 249 0.23 -0.38 -3.74
C GLU A 249 1.68 -0.04 -3.50
N ALA A 250 2.48 -0.08 -4.55
CA ALA A 250 3.89 0.17 -4.40
C ALA A 250 4.19 1.58 -4.00
N THR A 251 3.40 2.53 -4.48
CA THR A 251 3.62 3.91 -4.11
C THR A 251 3.38 4.04 -2.60
N HIS A 252 2.32 3.42 -2.13
CA HIS A 252 1.98 3.44 -0.72
C HIS A 252 3.09 2.82 0.09
N ARG A 253 3.59 1.67 -0.37
CA ARG A 253 4.66 1.00 0.36
C ARG A 253 5.90 1.82 0.49
N VAL A 254 6.34 2.41 -0.60
CA VAL A 254 7.64 3.11 -0.52
C VAL A 254 7.51 4.45 0.27
N ILE A 255 6.37 5.10 0.16
CA ILE A 255 6.15 6.28 1.02
C ILE A 255 6.31 5.88 2.49
N THR A 256 5.72 4.74 2.85
CA THR A 256 5.79 4.27 4.22
C THR A 256 7.23 3.94 4.63
N ILE A 257 7.93 3.21 3.79
CA ILE A 257 9.34 2.95 4.07
C ILE A 257 10.10 4.26 4.24
N ALA A 258 9.87 5.19 3.34
CA ALA A 258 10.60 6.43 3.38
C ALA A 258 10.29 7.15 4.63
N ASN A 259 9.01 7.10 5.07
CA ASN A 259 8.64 7.80 6.28
C ASN A 259 9.30 7.21 7.49
N ARG A 260 9.44 5.89 7.53
CA ARG A 260 10.14 5.26 8.62
C ARG A 260 11.63 5.50 8.63
N THR A 261 12.29 5.67 7.48
CA THR A 261 13.70 5.97 7.48
C THR A 261 13.99 7.49 7.53
N HIS A 262 12.95 8.33 7.56
CA HIS A 262 13.10 9.79 7.44
C HIS A 262 13.85 10.25 6.16
N CYS A 263 13.57 9.63 5.01
CA CYS A 263 14.23 10.02 3.79
C CYS A 263 13.21 10.66 2.88
N PRO A 264 13.52 11.83 2.27
CA PRO A 264 12.61 12.34 1.24
C PRO A 264 12.55 11.39 0.09
N ILE A 265 11.34 11.21 -0.41
CA ILE A 265 11.03 10.24 -1.43
C ILE A 265 10.40 11.03 -2.56
N TYR A 266 10.76 10.64 -3.77
CA TYR A 266 10.38 11.33 -4.99
C TYR A 266 9.85 10.28 -5.96
N LEU A 267 8.54 10.31 -6.20
CA LEU A 267 7.92 9.26 -7.04
C LEU A 267 8.06 9.68 -8.51
N VAL A 268 8.38 8.74 -9.41
CA VAL A 268 8.51 9.06 -10.81
C VAL A 268 7.45 8.36 -11.67
N ASN A 269 7.10 8.96 -12.80
CA ASN A 269 6.21 8.37 -13.79
C ASN A 269 4.84 8.11 -13.25
N VAL A 270 4.37 9.02 -12.36
CA VAL A 270 3.07 8.81 -11.74
C VAL A 270 2.05 8.77 -12.88
N SER A 271 1.29 7.67 -12.94
CA SER A 271 0.46 7.41 -14.14
C SER A 271 -1.02 7.30 -13.87
N SER A 272 -1.42 7.21 -12.62
CA SER A 272 -2.79 6.85 -12.33
C SER A 272 -3.43 7.69 -11.21
N ILE A 273 -4.75 7.71 -11.25
CA ILE A 273 -5.58 8.37 -10.23
C ILE A 273 -5.31 7.75 -8.85
N SER A 274 -5.30 6.43 -8.76
CA SER A 274 -5.01 5.68 -7.51
C SER A 274 -3.67 6.10 -6.92
N ALA A 275 -2.62 6.17 -7.75
CA ALA A 275 -1.32 6.49 -7.21
C ALA A 275 -1.24 7.98 -6.84
N GLY A 276 -1.82 8.81 -7.70
CA GLY A 276 -1.99 10.23 -7.32
C GLY A 276 -2.68 10.46 -5.99
N ASP A 277 -3.70 9.67 -5.70
CA ASP A 277 -4.45 9.84 -4.42
C ASP A 277 -3.62 9.42 -3.22
N VAL A 278 -2.78 8.37 -3.39
CA VAL A 278 -1.90 7.93 -2.32
C VAL A 278 -0.96 9.04 -2.04
N ILE A 279 -0.41 9.63 -3.09
CA ILE A 279 0.56 10.67 -2.90
C ILE A 279 -0.07 11.86 -2.16
N ALA A 280 -1.22 12.31 -2.63
CA ALA A 280 -1.95 13.44 -1.98
C ALA A 280 -2.26 13.13 -0.53
N ALA A 281 -2.74 11.92 -0.21
CA ALA A 281 -3.03 11.59 1.22
C ALA A 281 -1.77 11.62 2.10
N ALA A 282 -0.66 11.11 1.56
CA ALA A 282 0.60 11.15 2.28
C ALA A 282 1.04 12.59 2.58
N LYS A 283 0.90 13.44 1.58
CA LYS A 283 1.30 14.85 1.69
C LYS A 283 0.41 15.58 2.70
N MET A 284 -0.87 15.26 2.73
CA MET A 284 -1.78 15.80 3.75
C MET A 284 -1.27 15.47 5.15
N GLN A 285 -0.67 14.29 5.32
CA GLN A 285 -0.15 13.89 6.61
C GLN A 285 1.21 14.43 6.96
N GLY A 286 1.70 15.36 6.19
CA GLY A 286 2.99 15.94 6.47
C GLY A 286 4.20 15.07 6.06
N LYS A 287 3.99 13.91 5.44
CA LYS A 287 5.11 13.13 4.92
C LYS A 287 5.86 13.87 3.85
N VAL A 288 7.16 13.67 3.78
CA VAL A 288 8.00 14.37 2.84
C VAL A 288 8.10 13.59 1.52
N VAL A 289 7.20 13.95 0.62
CA VAL A 289 6.94 13.23 -0.61
C VAL A 289 6.90 14.25 -1.74
N LEU A 290 7.66 14.01 -2.77
CA LEU A 290 7.60 14.80 -3.98
C LEU A 290 7.28 13.83 -5.09
N ALA A 291 6.89 14.37 -6.25
CA ALA A 291 6.45 13.49 -7.34
C ALA A 291 6.52 14.15 -8.69
N GLU A 292 6.79 13.31 -9.67
CA GLU A 292 7.03 13.70 -11.03
C GLU A 292 6.11 12.87 -11.95
N THR A 293 5.70 13.43 -13.06
CA THR A 293 5.04 12.65 -14.04
C THR A 293 5.66 12.97 -15.39
N THR A 294 5.14 12.35 -16.46
CA THR A 294 5.64 12.59 -17.83
C THR A 294 4.59 13.28 -18.66
N THR A 295 5.07 13.91 -19.74
CA THR A 295 4.22 14.52 -20.70
C THR A 295 3.11 13.58 -21.12
N ALA A 296 3.50 12.38 -21.48
CA ALA A 296 2.54 11.40 -22.00
C ALA A 296 1.56 10.98 -20.95
N HIS A 297 2.00 10.73 -19.73
CA HIS A 297 1.04 10.32 -18.70
C HIS A 297 0.05 11.44 -18.42
N ALA A 298 0.50 12.66 -18.57
CA ALA A 298 -0.31 13.77 -18.25
C ALA A 298 -1.26 14.12 -19.38
N THR A 299 -1.07 13.59 -20.59
CA THR A 299 -1.86 14.04 -21.73
C THR A 299 -2.53 12.95 -22.54
N LEU A 300 -2.08 11.69 -22.44
CA LEU A 300 -2.56 10.66 -23.37
C LEU A 300 -3.25 9.52 -22.65
N THR A 301 -4.09 8.75 -23.36
CA THR A 301 -4.80 7.62 -22.77
C THR A 301 -4.26 6.30 -23.34
N GLY A 302 -4.46 5.25 -22.58
CA GLY A 302 -4.06 3.91 -22.95
C GLY A 302 -4.89 3.32 -24.07
N LEU A 303 -5.93 4.02 -24.53
CA LEU A 303 -6.68 3.56 -25.68
C LEU A 303 -5.75 3.26 -26.88
N HIS A 304 -4.65 3.98 -26.97
CA HIS A 304 -3.66 3.76 -28.00
C HIS A 304 -3.16 2.35 -28.04
N TYR A 305 -3.18 1.63 -26.92
CA TYR A 305 -2.63 0.26 -26.91
C TYR A 305 -3.59 -0.67 -27.65
N TYR A 306 -4.84 -0.24 -27.82
CA TYR A 306 -5.86 -1.06 -28.47
C TYR A 306 -6.02 -0.69 -29.95
N HIS A 307 -5.16 0.19 -30.48
CA HIS A 307 -5.22 0.54 -31.88
C HIS A 307 -5.03 -0.71 -32.78
N GLN A 308 -5.75 -0.74 -33.88
CA GLN A 308 -5.64 -1.86 -34.83
C GLN A 308 -4.25 -2.10 -35.43
N ASP A 309 -3.53 -1.02 -35.69
CA ASP A 309 -2.15 -1.10 -36.16
C ASP A 309 -1.16 -1.39 -35.01
N TRP A 310 -0.42 -2.48 -35.16
CA TRP A 310 0.49 -2.98 -34.14
C TRP A 310 1.52 -1.92 -33.77
N SER A 311 2.10 -1.30 -34.78
CA SER A 311 3.14 -0.33 -34.60
C SER A 311 2.68 0.87 -33.80
N HIS A 312 1.49 1.38 -34.13
CA HIS A 312 0.90 2.52 -33.42
C HIS A 312 0.82 2.15 -31.95
N ALA A 313 0.26 0.98 -31.67
CA ALA A 313 0.04 0.53 -30.28
C ALA A 313 1.35 0.31 -29.53
N ALA A 314 2.32 -0.28 -30.20
CA ALA A 314 3.62 -0.50 -29.63
C ALA A 314 4.30 0.79 -29.34
N ALA A 315 4.05 1.78 -30.18
CA ALA A 315 4.77 3.02 -30.00
C ALA A 315 4.52 3.69 -28.64
N TYR A 316 3.35 3.41 -28.01
CA TYR A 316 2.99 4.12 -26.76
C TYR A 316 3.50 3.35 -25.53
N VAL A 317 4.24 2.25 -25.78
CA VAL A 317 4.58 1.36 -24.70
C VAL A 317 5.70 1.94 -23.85
N THR A 318 5.38 2.10 -22.57
CA THR A 318 6.27 2.54 -21.55
C THR A 318 5.64 2.09 -20.19
N VAL A 319 6.30 2.33 -19.09
CA VAL A 319 5.74 1.91 -17.82
C VAL A 319 5.87 3.01 -16.79
N PRO A 320 4.95 3.06 -15.83
CA PRO A 320 3.72 2.37 -15.84
C PRO A 320 2.95 2.76 -17.11
N PRO A 321 2.01 1.95 -17.54
CA PRO A 321 1.44 2.22 -18.85
C PRO A 321 0.44 3.39 -18.79
N LEU A 322 0.14 3.97 -19.94
CA LEU A 322 -0.95 4.89 -20.07
C LEU A 322 -2.20 4.15 -19.65
N ARG A 323 -3.10 4.82 -18.96
CA ARG A 323 -4.30 4.23 -18.42
C ARG A 323 -5.52 4.43 -19.30
N LEU A 324 -6.45 3.49 -19.19
CA LEU A 324 -7.75 3.53 -19.89
C LEU A 324 -8.78 4.51 -19.30
N ASP A 325 -8.79 4.69 -18.01
CA ASP A 325 -9.72 5.63 -17.41
C ASP A 325 -9.56 6.99 -18.11
N THR A 326 -10.64 7.43 -18.77
CA THR A 326 -10.59 8.67 -19.59
C THR A 326 -10.37 9.96 -18.80
N ASN A 327 -10.63 9.92 -17.52
CA ASN A 327 -10.37 11.06 -16.63
C ASN A 327 -8.87 11.21 -16.21
N THR A 328 -8.02 10.26 -16.61
CA THR A 328 -6.67 10.16 -16.04
C THR A 328 -5.80 11.41 -16.30
N SER A 329 -5.67 11.77 -17.57
CA SER A 329 -4.98 12.98 -18.02
C SER A 329 -5.40 14.17 -17.28
N THR A 330 -6.69 14.44 -17.28
CA THR A 330 -7.20 15.63 -16.67
C THR A 330 -6.87 15.67 -15.19
N TYR A 331 -6.98 14.54 -14.54
CA TYR A 331 -6.69 14.50 -13.15
C TYR A 331 -5.18 14.72 -12.89
N LEU A 332 -4.33 14.11 -13.69
CA LEU A 332 -2.90 14.25 -13.49
C LEU A 332 -2.46 15.71 -13.78
N MET A 333 -3.03 16.29 -14.81
CA MET A 333 -2.77 17.70 -15.12
C MET A 333 -3.19 18.58 -13.97
N SER A 334 -4.36 18.30 -13.38
CA SER A 334 -4.83 19.04 -12.22
C SER A 334 -3.90 18.88 -11.02
N LEU A 335 -3.44 17.66 -10.79
CA LEU A 335 -2.44 17.43 -9.74
C LEU A 335 -1.17 18.24 -9.91
N LEU A 336 -0.68 18.32 -11.14
CA LEU A 336 0.41 19.22 -11.50
C LEU A 336 0.14 20.69 -11.21
N ALA A 337 -1.00 21.19 -11.66
CA ALA A 337 -1.44 22.57 -11.36
C ALA A 337 -1.48 22.82 -9.87
N ASN A 338 -1.93 21.82 -9.17
CA ASN A 338 -2.16 21.83 -7.75
C ASN A 338 -0.95 21.53 -6.86
N ASP A 339 0.18 21.08 -7.45
CA ASP A 339 1.37 20.72 -6.72
C ASP A 339 1.29 19.46 -5.90
N THR A 340 0.31 18.63 -6.15
CA THR A 340 0.39 17.27 -5.73
C THR A 340 1.51 16.58 -6.57
N LEU A 341 1.59 16.89 -7.84
CA LEU A 341 2.74 16.55 -8.67
C LEU A 341 3.49 17.83 -8.89
N ASN A 342 4.82 17.76 -8.73
CA ASN A 342 5.67 18.93 -8.73
C ASN A 342 6.31 19.27 -10.05
N ILE A 343 6.62 18.23 -10.84
CA ILE A 343 7.54 18.34 -11.98
C ILE A 343 7.06 17.50 -13.15
N VAL A 344 7.19 18.02 -14.36
CA VAL A 344 6.88 17.22 -15.53
C VAL A 344 8.12 17.02 -16.39
N ALA A 345 8.38 15.76 -16.75
CA ALA A 345 9.56 15.32 -17.49
C ALA A 345 9.12 14.63 -18.79
N SER A 346 10.02 14.46 -19.76
CA SER A 346 9.70 13.67 -20.97
C SER A 346 9.90 12.20 -20.77
N ASP A 347 10.92 11.86 -20.00
CA ASP A 347 11.38 10.47 -19.91
C ASP A 347 11.84 9.94 -21.28
N HIS A 348 12.36 10.81 -22.10
CA HIS A 348 12.70 10.52 -23.47
C HIS A 348 13.57 9.25 -23.66
N ARG A 349 13.02 8.27 -24.37
CA ARG A 349 13.79 7.06 -24.71
C ARG A 349 13.22 6.49 -25.98
N PRO A 350 13.52 7.17 -27.12
CA PRO A 350 12.84 6.69 -28.29
C PRO A 350 13.44 5.44 -28.85
N PHE A 351 12.57 4.59 -29.38
CA PHE A 351 12.99 3.44 -30.17
C PHE A 351 12.29 3.47 -31.53
N THR A 352 12.85 2.85 -32.56
CA THR A 352 12.07 2.67 -33.79
C THR A 352 11.06 1.51 -33.71
N THR A 353 10.17 1.50 -34.69
CA THR A 353 9.17 0.48 -34.84
C THR A 353 9.88 -0.82 -35.00
N LYS A 354 10.96 -0.79 -35.78
CA LYS A 354 11.75 -1.98 -36.01
C LYS A 354 12.28 -2.57 -34.68
N GLN A 355 12.76 -1.72 -33.78
CA GLN A 355 13.19 -2.15 -32.45
C GLN A 355 12.02 -2.60 -31.57
N LYS A 356 10.89 -1.88 -31.62
CA LYS A 356 9.71 -2.27 -30.84
C LYS A 356 9.28 -3.69 -31.25
N ALA A 357 9.47 -4.01 -32.53
CA ALA A 357 9.00 -5.29 -33.10
C ALA A 357 9.70 -6.52 -32.57
N MET A 358 10.79 -6.33 -31.82
CA MET A 358 11.30 -7.39 -30.96
C MET A 358 10.15 -8.07 -30.23
N GLY A 359 9.16 -7.27 -29.83
CA GLY A 359 8.01 -7.82 -29.10
C GLY A 359 6.73 -8.04 -29.92
N LYS A 360 6.88 -8.22 -31.23
CA LYS A 360 5.74 -8.33 -32.12
C LYS A 360 4.92 -9.54 -31.73
N GLU A 361 5.55 -10.55 -31.13
CA GLU A 361 4.79 -11.70 -30.72
C GLU A 361 4.72 -11.90 -29.22
N ASP A 362 5.36 -11.03 -28.45
CA ASP A 362 5.43 -11.14 -27.02
C ASP A 362 5.59 -9.75 -26.44
N PHE A 363 4.50 -9.19 -25.95
CA PHE A 363 4.48 -7.78 -25.57
C PHE A 363 5.48 -7.52 -24.46
N THR A 364 5.80 -8.55 -23.67
CA THR A 364 6.79 -8.34 -22.58
C THR A 364 8.16 -8.01 -23.12
N LYS A 365 8.39 -8.22 -24.41
CA LYS A 365 9.71 -7.86 -25.04
C LYS A 365 9.71 -6.53 -25.78
N ILE A 366 8.59 -5.83 -25.82
CA ILE A 366 8.59 -4.50 -26.42
C ILE A 366 9.37 -3.56 -25.50
N PRO A 367 10.41 -2.90 -26.01
CA PRO A 367 11.18 -2.12 -25.06
C PRO A 367 10.45 -0.83 -24.69
N HIS A 368 10.55 -0.52 -23.40
CA HIS A 368 9.83 0.58 -22.82
C HIS A 368 10.51 1.85 -23.19
N GLY A 369 9.78 2.72 -23.85
CA GLY A 369 10.33 4.05 -24.15
C GLY A 369 9.49 4.73 -25.20
N VAL A 370 9.34 6.04 -25.06
CA VAL A 370 8.63 6.85 -26.03
C VAL A 370 9.49 8.09 -26.21
N SER A 371 9.24 8.85 -27.24
CA SER A 371 10.02 10.07 -27.44
C SER A 371 9.24 11.23 -26.88
N GLY A 372 9.92 12.35 -26.67
CA GLY A 372 9.24 13.51 -26.13
C GLY A 372 10.06 14.65 -25.61
N VAL A 373 11.38 14.59 -25.70
CA VAL A 373 12.18 15.63 -25.21
C VAL A 373 11.90 16.93 -25.95
N GLN A 374 11.60 16.87 -27.23
CA GLN A 374 11.28 18.06 -27.99
C GLN A 374 9.83 18.56 -27.77
N ASP A 375 8.91 17.66 -27.45
CA ASP A 375 7.47 17.91 -27.39
C ASP A 375 7.05 18.55 -26.06
N ARG A 376 7.82 18.26 -25.01
CA ARG A 376 7.41 18.52 -23.64
C ARG A 376 6.89 19.97 -23.44
N MET A 377 7.64 21.01 -23.86
CA MET A 377 7.26 22.38 -23.49
C MET A 377 5.98 22.77 -24.18
N SER A 378 5.89 22.47 -25.47
CA SER A 378 4.71 22.81 -26.26
C SER A 378 3.45 22.04 -25.85
N VAL A 379 3.63 20.74 -25.61
CA VAL A 379 2.50 19.91 -25.25
C VAL A 379 1.91 20.34 -23.90
N ILE A 380 2.76 20.60 -22.95
CA ILE A 380 2.25 20.98 -21.62
C ILE A 380 1.66 22.40 -21.65
N TRP A 381 2.23 23.26 -22.50
CA TRP A 381 1.68 24.55 -22.70
C TRP A 381 0.24 24.45 -23.22
N GLU A 382 0.07 23.64 -24.25
CA GLU A 382 -1.22 23.51 -24.88
C GLU A 382 -2.25 22.91 -23.93
N ARG A 383 -1.94 21.76 -23.36
CA ARG A 383 -2.90 21.06 -22.46
C ARG A 383 -3.01 21.68 -21.06
N GLY A 384 -1.93 22.26 -20.59
CA GLY A 384 -1.88 22.81 -19.26
C GLY A 384 -2.37 24.24 -19.20
N VAL A 385 -1.80 25.09 -20.07
CA VAL A 385 -2.10 26.54 -20.03
C VAL A 385 -3.28 26.92 -20.90
N VAL A 386 -3.23 26.56 -22.16
CA VAL A 386 -4.34 26.88 -23.05
C VAL A 386 -5.58 26.14 -22.58
N GLY A 387 -5.39 24.90 -22.12
CA GLY A 387 -6.47 24.09 -21.58
C GLY A 387 -7.04 24.60 -20.25
N GLY A 388 -6.46 25.63 -19.67
CA GLY A 388 -7.03 26.23 -18.46
C GLY A 388 -6.77 25.48 -17.16
N LYS A 389 -5.79 24.58 -17.10
CA LYS A 389 -5.50 23.85 -15.86
C LYS A 389 -4.54 24.59 -14.99
N MET A 390 -3.73 25.42 -15.59
CA MET A 390 -2.77 26.19 -14.82
C MET A 390 -2.43 27.42 -15.61
N ASP A 391 -1.79 28.36 -14.93
CA ASP A 391 -1.34 29.56 -15.57
C ASP A 391 0.16 29.45 -15.96
N GLU A 392 0.62 30.47 -16.66
CA GLU A 392 1.93 30.49 -17.25
C GLU A 392 3.01 30.40 -16.22
N ASN A 393 2.76 30.92 -15.04
CA ASN A 393 3.72 30.89 -14.00
C ASN A 393 3.89 29.49 -13.42
N ARG A 394 2.76 28.81 -13.20
CA ARG A 394 2.81 27.46 -12.76
C ARG A 394 3.48 26.61 -13.88
N PHE A 395 3.25 26.94 -15.12
CA PHE A 395 3.96 26.27 -16.21
C PHE A 395 5.49 26.31 -16.07
N VAL A 396 6.02 27.49 -15.74
CA VAL A 396 7.42 27.65 -15.45
C VAL A 396 7.85 26.84 -14.20
N ALA A 397 7.01 26.83 -13.17
CA ALA A 397 7.29 26.01 -12.02
C ALA A 397 7.49 24.51 -12.41
N VAL A 398 6.55 23.96 -13.16
CA VAL A 398 6.53 22.52 -13.42
C VAL A 398 7.46 22.12 -14.59
N THR A 399 7.99 23.07 -15.34
CA THR A 399 8.93 22.76 -16.42
C THR A 399 10.37 23.13 -16.14
N SER A 400 10.60 24.02 -15.17
CA SER A 400 11.98 24.40 -14.84
C SER A 400 12.22 24.70 -13.38
N SER A 401 11.48 25.62 -12.76
CA SER A 401 11.83 26.06 -11.39
C SER A 401 11.82 24.99 -10.31
N ASN A 402 10.78 24.17 -10.23
CA ASN A 402 10.73 23.13 -9.21
C ASN A 402 11.91 22.17 -9.37
N ALA A 403 12.17 21.79 -10.59
CA ALA A 403 13.34 20.96 -10.88
C ALA A 403 14.64 21.61 -10.43
N ALA A 404 14.80 22.89 -10.75
CA ALA A 404 15.97 23.59 -10.31
C ALA A 404 16.13 23.58 -8.76
N LYS A 405 15.02 23.72 -8.04
CA LYS A 405 15.16 23.77 -6.58
C LYS A 405 15.62 22.39 -6.07
N LEU A 406 14.95 21.39 -6.60
CA LEU A 406 15.18 20.04 -6.26
C LEU A 406 16.64 19.61 -6.53
N LEU A 407 17.18 20.08 -7.64
CA LEU A 407 18.55 19.80 -8.05
C LEU A 407 19.58 20.62 -7.35
N ASN A 408 19.14 21.59 -6.56
CA ASN A 408 20.03 22.50 -5.90
C ASN A 408 20.67 23.47 -6.83
N LEU A 409 19.97 23.79 -7.90
CA LEU A 409 20.44 24.78 -8.83
C LEU A 409 19.64 26.09 -8.88
N TYR A 410 18.73 26.31 -7.96
CA TYR A 410 17.87 27.47 -8.05
C TYR A 410 18.50 28.53 -7.22
N PRO A 411 18.48 29.82 -7.66
CA PRO A 411 17.95 30.48 -8.82
C PRO A 411 18.93 30.63 -9.96
N ARG A 412 20.06 29.98 -9.79
CA ARG A 412 21.02 29.94 -10.91
C ARG A 412 20.34 29.47 -12.23
N LYS A 413 19.48 28.47 -12.14
CA LYS A 413 18.64 28.02 -13.26
C LYS A 413 17.18 28.14 -12.79
N GLY A 414 16.25 28.11 -13.73
CA GLY A 414 14.83 28.14 -13.42
C GLY A 414 14.29 29.52 -13.06
N ARG A 415 15.07 30.57 -13.28
CA ARG A 415 14.60 31.91 -12.92
C ARG A 415 15.29 32.99 -13.73
N ILE A 416 14.50 33.91 -14.27
CA ILE A 416 15.06 35.07 -14.98
C ILE A 416 15.28 36.18 -13.97
N ILE A 417 16.52 36.33 -13.52
CA ILE A 417 16.94 37.42 -12.63
C ILE A 417 18.39 37.72 -12.86
N PRO A 418 18.82 38.92 -12.49
CA PRO A 418 20.25 39.19 -12.64
C PRO A 418 21.10 38.18 -11.88
N GLY A 419 22.16 37.71 -12.52
CA GLY A 419 23.04 36.73 -11.89
C GLY A 419 22.77 35.27 -12.25
N ALA A 420 21.60 34.95 -12.79
CA ALA A 420 21.29 33.57 -13.15
C ALA A 420 22.03 33.20 -14.44
N ASP A 421 22.16 31.90 -14.68
CA ASP A 421 22.64 31.44 -15.94
C ASP A 421 21.67 31.89 -17.03
N ALA A 422 22.22 32.31 -18.16
CA ALA A 422 21.44 32.69 -19.29
C ALA A 422 21.03 31.47 -20.13
N ASP A 423 20.15 30.67 -19.56
CA ASP A 423 19.40 29.66 -20.24
C ASP A 423 17.99 30.22 -20.35
N VAL A 424 17.61 30.68 -21.54
CA VAL A 424 16.44 31.49 -21.71
C VAL A 424 15.76 31.14 -23.01
N VAL A 425 14.45 31.07 -22.96
CA VAL A 425 13.66 30.85 -24.14
C VAL A 425 12.74 32.04 -24.36
N VAL A 426 12.69 32.49 -25.61
CA VAL A 426 11.72 33.46 -26.04
C VAL A 426 10.60 32.62 -26.60
N TRP A 427 9.50 32.60 -25.84
CA TRP A 427 8.38 31.70 -26.09
C TRP A 427 7.21 32.47 -26.75
N ASP A 428 6.69 31.96 -27.86
CA ASP A 428 5.52 32.53 -28.49
C ASP A 428 4.24 31.80 -28.05
N PRO A 429 3.48 32.41 -27.14
CA PRO A 429 2.27 31.75 -26.70
C PRO A 429 1.13 31.73 -27.72
N GLU A 430 1.23 32.47 -28.79
CA GLU A 430 0.11 32.56 -29.73
C GLU A 430 0.35 31.61 -30.90
N ALA A 431 1.56 31.64 -31.43
CA ALA A 431 1.86 30.91 -32.60
C ALA A 431 1.57 29.40 -32.37
N THR A 432 1.09 28.70 -33.37
CA THR A 432 0.96 27.21 -33.34
C THR A 432 2.01 26.43 -34.14
N LYS A 433 2.21 25.19 -33.72
CA LYS A 433 3.00 24.21 -34.42
C LYS A 433 2.08 23.00 -34.44
N THR A 434 1.98 22.34 -35.58
CA THR A 434 1.33 21.05 -35.60
C THR A 434 2.42 20.02 -35.49
N ILE A 435 2.31 19.16 -34.49
CA ILE A 435 3.40 18.22 -34.24
C ILE A 435 3.35 17.09 -35.24
N SER A 436 4.51 16.72 -35.76
CA SER A 436 4.58 15.58 -36.61
C SER A 436 5.93 14.88 -36.63
N ALA A 437 5.94 13.56 -36.81
CA ALA A 437 7.20 12.79 -36.87
C ALA A 437 8.04 13.27 -38.03
N SER A 438 7.37 13.63 -39.11
CA SER A 438 8.08 14.10 -40.28
C SER A 438 8.85 15.40 -40.10
N THR A 439 8.47 16.26 -39.16
CA THR A 439 9.19 17.50 -38.97
C THR A 439 10.04 17.51 -37.70
N GLN A 440 9.86 16.57 -36.79
CA GLN A 440 10.59 16.60 -35.49
C GLN A 440 12.11 16.40 -35.67
N VAL A 441 12.92 16.92 -34.76
CA VAL A 441 14.34 16.60 -34.77
C VAL A 441 14.69 15.57 -33.73
N GLN A 442 13.82 15.34 -32.76
CA GLN A 442 14.07 14.23 -31.79
C GLN A 442 13.93 12.91 -32.54
N GLY A 443 14.45 11.83 -31.98
CA GLY A 443 14.48 10.56 -32.70
C GLY A 443 13.18 9.78 -32.55
N GLY A 444 13.13 8.62 -33.24
CA GLY A 444 11.94 7.77 -33.25
C GLY A 444 11.23 7.95 -34.57
N ASP A 445 10.47 6.95 -34.99
CA ASP A 445 9.69 7.14 -36.21
C ASP A 445 8.19 7.43 -35.92
N PHE A 446 7.76 7.38 -34.65
CA PHE A 446 6.44 7.80 -34.25
C PHE A 446 6.54 9.02 -33.34
N ASN A 447 5.73 10.01 -33.56
CA ASN A 447 5.48 11.02 -32.52
C ASN A 447 4.17 10.69 -31.85
N LEU A 448 4.16 10.63 -30.53
CA LEU A 448 2.95 10.29 -29.78
C LEU A 448 1.83 11.33 -29.91
N TYR A 449 2.20 12.57 -30.22
CA TYR A 449 1.30 13.69 -30.34
C TYR A 449 1.09 14.00 -31.81
N GLU A 450 1.28 13.01 -32.70
CA GLU A 450 1.11 13.25 -34.14
C GLU A 450 -0.16 14.04 -34.43
N ASN A 451 -0.02 15.17 -35.12
CA ASN A 451 -1.17 16.02 -35.53
C ASN A 451 -1.79 16.88 -34.49
N MET A 452 -1.17 16.97 -33.34
CA MET A 452 -1.65 17.89 -32.35
C MET A 452 -1.25 19.31 -32.74
N ARG A 453 -2.25 20.18 -32.78
CA ARG A 453 -2.05 21.62 -32.98
CA ARG A 453 -2.04 21.60 -32.99
C ARG A 453 -1.68 22.20 -31.61
N CYS A 454 -0.45 22.63 -31.46
CA CYS A 454 0.00 23.17 -30.20
C CYS A 454 0.27 24.70 -30.23
N HIS A 455 -0.45 25.52 -29.46
N HIS A 455 -0.25 25.49 -29.28
CA HIS A 455 0.06 26.84 -29.17
CA HIS A 455 -0.09 26.96 -29.31
C HIS A 455 1.28 26.67 -28.28
C HIS A 455 1.21 27.64 -28.81
N GLY A 456 2.15 27.68 -28.36
N GLY A 456 2.17 26.94 -28.23
CA GLY A 456 3.38 27.75 -27.60
CA GLY A 456 3.31 27.64 -27.69
C GLY A 456 4.56 27.15 -28.35
C GLY A 456 4.56 27.12 -28.37
N VAL A 457 5.40 28.01 -28.89
CA VAL A 457 6.52 27.57 -29.69
C VAL A 457 7.73 28.27 -29.21
N PRO A 458 8.85 27.54 -29.08
CA PRO A 458 10.02 28.34 -28.82
C PRO A 458 10.45 29.11 -30.05
N LEU A 459 10.56 30.43 -29.93
CA LEU A 459 11.06 31.21 -31.06
C LEU A 459 12.57 31.29 -31.04
N VAL A 460 13.12 31.51 -29.84
CA VAL A 460 14.53 31.59 -29.67
C VAL A 460 14.91 30.83 -28.42
N THR A 461 16.03 30.10 -28.54
CA THR A 461 16.59 29.38 -27.42
C THR A 461 17.99 29.78 -27.19
N ILE A 462 18.26 30.20 -25.94
CA ILE A 462 19.54 30.65 -25.53
C ILE A 462 20.03 29.74 -24.45
N SER A 463 21.26 29.26 -24.63
CA SER A 463 21.91 28.32 -23.73
C SER A 463 23.29 28.79 -23.42
N ARG A 464 23.60 28.94 -22.14
CA ARG A 464 24.89 29.46 -21.69
C ARG A 464 25.16 30.81 -22.35
N GLY A 465 24.10 31.61 -22.53
CA GLY A 465 24.29 32.96 -23.05
C GLY A 465 24.70 32.99 -24.49
N ARG A 466 24.37 31.95 -25.25
CA ARG A 466 24.42 32.01 -26.70
C ARG A 466 23.14 31.54 -27.32
N VAL A 467 22.81 32.16 -28.45
CA VAL A 467 21.66 31.75 -29.22
C VAL A 467 22.01 30.47 -29.94
N VAL A 468 21.26 29.41 -29.69
CA VAL A 468 21.52 28.13 -30.32
C VAL A 468 20.40 27.72 -31.25
N TYR A 469 19.27 28.43 -31.17
CA TYR A 469 18.16 28.17 -32.07
C TYR A 469 17.42 29.48 -32.30
N GLU A 470 17.15 29.77 -33.56
CA GLU A 470 16.52 31.01 -33.95
C GLU A 470 16.11 30.88 -35.41
N ASN A 471 14.99 31.52 -35.74
CA ASN A 471 14.43 31.49 -37.09
C ASN A 471 14.41 30.04 -37.63
N GLY A 472 14.02 29.09 -36.80
CA GLY A 472 14.01 27.69 -37.18
C GLY A 472 15.37 27.03 -37.46
N VAL A 473 16.48 27.73 -37.24
CA VAL A 473 17.78 27.17 -37.47
C VAL A 473 18.50 26.90 -36.17
N PHE A 474 19.13 25.72 -36.11
CA PHE A 474 19.89 25.29 -34.97
C PHE A 474 21.37 25.42 -35.25
N MET A 475 22.09 25.95 -34.29
CA MET A 475 23.46 26.36 -34.51
C MET A 475 24.22 26.12 -33.21
N CYS A 476 24.84 24.95 -33.05
CA CYS A 476 25.60 24.74 -31.81
C CYS A 476 26.54 23.58 -31.94
N ALA A 477 27.79 23.78 -31.54
CA ALA A 477 28.80 22.74 -31.67
C ALA A 477 28.64 21.71 -30.56
N GLU A 478 28.92 20.46 -30.91
CA GLU A 478 28.80 19.37 -29.96
C GLU A 478 29.80 19.58 -28.84
N GLY A 479 29.41 19.32 -27.59
CA GLY A 479 30.34 19.49 -26.48
C GLY A 479 30.38 20.90 -25.91
N THR A 480 29.51 21.77 -26.38
CA THR A 480 29.37 23.14 -25.84
C THR A 480 28.73 23.10 -24.42
N GLY A 481 27.80 22.17 -24.19
CA GLY A 481 27.13 22.06 -22.91
C GLY A 481 28.09 21.56 -21.86
N LYS A 482 27.76 21.82 -20.59
CA LYS A 482 28.59 21.32 -19.52
C LYS A 482 27.83 20.51 -18.50
N PHE A 483 28.57 19.57 -17.91
CA PHE A 483 28.14 18.86 -16.73
C PHE A 483 28.00 19.85 -15.59
N CYS A 484 26.91 19.77 -14.84
CA CYS A 484 26.70 20.68 -13.70
C CYS A 484 26.62 19.86 -12.42
N PRO A 485 27.66 19.93 -11.57
CA PRO A 485 27.60 19.21 -10.31
C PRO A 485 26.42 19.65 -9.45
N LEU A 486 25.78 18.66 -8.83
CA LEU A 486 24.60 18.87 -8.05
C LEU A 486 24.91 18.62 -6.59
N ARG A 487 24.87 19.67 -5.80
CA ARG A 487 25.25 19.62 -4.41
C ARG A 487 24.16 18.94 -3.56
N SER A 488 24.60 18.18 -2.57
CA SER A 488 23.77 17.49 -1.67
C SER A 488 22.94 18.44 -0.74
N PHE A 489 21.94 17.86 -0.10
CA PHE A 489 21.03 18.54 0.84
C PHE A 489 20.29 19.72 0.24
N PRO A 490 19.59 19.54 -0.87
CA PRO A 490 18.88 20.72 -1.39
C PRO A 490 17.84 21.19 -0.37
N ASP A 491 17.87 22.48 -0.07
CA ASP A 491 17.04 23.08 1.00
C ASP A 491 15.57 22.81 0.95
N THR A 492 15.03 22.80 -0.25
CA THR A 492 13.61 22.73 -0.45
C THR A 492 13.06 21.41 0.10
N VAL A 493 13.84 20.35 0.15
CA VAL A 493 13.45 19.15 0.89
C VAL A 493 14.07 19.07 2.27
N TYR A 494 15.37 19.26 2.31
CA TYR A 494 16.08 18.87 3.47
C TYR A 494 15.95 19.85 4.63
N LYS A 495 15.71 21.14 4.37
CA LYS A 495 15.74 22.09 5.47
C LYS A 495 14.68 21.68 6.54
N LYS A 496 13.51 21.30 6.11
CA LYS A 496 12.50 20.80 7.06
C LYS A 496 12.89 19.51 7.83
N LEU A 497 13.54 18.56 7.16
CA LEU A 497 13.93 17.28 7.78
C LEU A 497 15.01 17.43 8.81
N VAL A 498 16.03 18.16 8.45
CA VAL A 498 17.09 18.41 9.36
C VAL A 498 16.51 18.97 10.66
N GLN A 499 15.56 19.87 10.54
CA GLN A 499 14.92 20.41 11.74
C GLN A 499 14.09 19.37 12.49
N ARG A 500 13.32 18.57 11.77
CA ARG A 500 12.61 17.41 12.39
C ARG A 500 13.51 16.48 13.23
N GLU A 501 14.71 16.24 12.70
CA GLU A 501 15.76 15.46 13.36
C GLU A 501 16.13 15.99 14.74
N LYS A 502 16.26 17.30 14.85
CA LYS A 502 16.46 17.94 16.18
C LYS A 502 15.18 17.90 17.00
N THR A 503 14.06 17.90 16.30
CA THR A 503 12.75 18.11 16.92
C THR A 503 12.33 16.96 17.80
N LEU A 504 12.58 15.73 17.35
CA LEU A 504 11.79 14.63 17.87
C LEU A 504 12.51 13.61 18.75
N LYS A 505 12.14 13.63 20.01
CA LYS A 505 12.45 12.57 20.94
C LYS A 505 11.16 11.90 21.29
N VAL A 506 10.92 10.71 20.79
CA VAL A 506 9.93 9.93 21.46
C VAL A 506 10.75 9.28 22.57
N ARG A 507 10.20 9.29 23.78
CA ARG A 507 10.90 8.70 24.92
C ARG A 507 10.01 7.65 25.57
N GLY A 508 10.63 6.70 26.26
CA GLY A 508 9.88 5.72 27.05
C GLY A 508 9.24 6.31 28.29
N VAL A 509 8.48 5.49 29.01
CA VAL A 509 7.89 5.92 30.27
C VAL A 509 8.97 5.73 31.32
N ASP A 510 8.99 6.60 32.31
CA ASP A 510 9.93 6.47 33.40
C ASP A 510 9.30 5.61 34.48
N ARG A 511 9.89 4.43 34.67
CA ARG A 511 9.52 3.54 35.74
C ARG A 511 10.79 3.35 36.54
N THR A 512 10.66 3.02 37.82
CA THR A 512 11.82 3.02 38.70
C THR A 512 12.36 1.57 38.84
N PRO A 513 13.64 1.40 39.31
CA PRO A 513 14.27 0.07 39.32
C PRO A 513 13.37 -1.09 39.78
N VAL B 30 -32.12 -35.44 26.52
CA VAL B 30 -32.62 -34.29 27.32
C VAL B 30 -33.39 -33.29 26.45
N ARG B 31 -34.45 -32.74 27.05
CA ARG B 31 -35.48 -32.00 26.39
C ARG B 31 -35.62 -30.70 27.16
N ILE B 32 -35.55 -29.58 26.44
CA ILE B 32 -35.47 -28.26 27.03
C ILE B 32 -36.46 -27.33 26.33
N LEU B 33 -37.24 -26.63 27.15
CA LEU B 33 -38.12 -25.56 26.71
C LEU B 33 -37.65 -24.23 27.28
N ILE B 34 -37.30 -23.31 26.40
CA ILE B 34 -37.00 -21.93 26.78
C ILE B 34 -38.25 -21.13 26.48
N LYS B 35 -38.85 -20.64 27.54
CA LYS B 35 -40.19 -20.11 27.54
C LYS B 35 -40.22 -18.62 27.87
N GLY B 36 -40.99 -17.86 27.09
CA GLY B 36 -41.30 -16.46 27.45
C GLY B 36 -40.31 -15.43 26.96
N GLY B 37 -39.29 -15.86 26.19
CA GLY B 37 -38.25 -14.94 25.80
C GLY B 37 -38.46 -14.36 24.42
N LYS B 38 -37.57 -13.44 24.05
CA LYS B 38 -37.47 -12.95 22.69
C LYS B 38 -36.31 -13.59 21.97
N VAL B 39 -36.60 -14.23 20.85
CA VAL B 39 -35.58 -14.76 19.98
C VAL B 39 -34.98 -13.69 19.12
N VAL B 40 -33.65 -13.55 19.24
CA VAL B 40 -32.87 -12.53 18.53
C VAL B 40 -31.90 -13.19 17.58
N ASN B 41 -32.21 -13.10 16.31
CA ASN B 41 -31.32 -13.57 15.24
C ASN B 41 -30.73 -12.32 14.62
N ASP B 42 -29.88 -12.48 13.60
CA ASP B 42 -29.23 -11.31 13.06
C ASP B 42 -30.14 -10.48 12.16
N ASP B 43 -31.31 -11.04 11.82
CA ASP B 43 -32.24 -10.36 10.92
C ASP B 43 -33.37 -9.67 11.67
N CYS B 44 -33.89 -10.28 12.72
CA CYS B 44 -34.92 -9.63 13.52
C CYS B 44 -35.12 -10.33 14.86
N THR B 45 -35.94 -9.68 15.67
CA THR B 45 -36.25 -10.14 16.99
C THR B 45 -37.73 -10.45 17.06
N HIS B 46 -38.09 -11.60 17.61
CA HIS B 46 -39.47 -11.88 17.84
C HIS B 46 -39.70 -12.72 19.10
N GLU B 47 -40.85 -12.49 19.68
CA GLU B 47 -41.29 -13.22 20.83
C GLU B 47 -41.60 -14.69 20.49
N ALA B 48 -40.96 -15.62 21.15
CA ALA B 48 -41.15 -17.02 20.84
C ALA B 48 -40.44 -17.89 21.83
N ASP B 49 -41.05 -19.02 22.09
CA ASP B 49 -40.42 -20.05 22.87
C ASP B 49 -39.61 -20.94 21.97
N VAL B 50 -38.72 -21.70 22.58
CA VAL B 50 -37.78 -22.57 21.85
C VAL B 50 -37.71 -23.95 22.51
N TYR B 51 -37.90 -24.99 21.70
CA TYR B 51 -37.92 -26.32 22.22
C TYR B 51 -36.76 -27.08 21.62
N ILE B 52 -35.97 -27.70 22.52
CA ILE B 52 -34.75 -28.37 22.14
C ILE B 52 -34.82 -29.85 22.51
N GLU B 53 -34.35 -30.71 21.61
CA GLU B 53 -34.26 -32.12 21.90
C GLU B 53 -33.14 -32.76 21.05
N ASN B 54 -32.42 -33.67 21.69
CA ASN B 54 -31.36 -34.41 21.05
C ASN B 54 -30.38 -33.51 20.33
N GLY B 55 -29.92 -32.46 21.01
CA GLY B 55 -28.84 -31.60 20.47
C GLY B 55 -29.27 -30.53 19.48
N ILE B 56 -30.57 -30.48 19.17
CA ILE B 56 -31.09 -29.82 17.95
C ILE B 56 -32.31 -28.96 18.32
N ILE B 57 -32.47 -27.77 17.77
CA ILE B 57 -33.68 -26.98 18.02
C ILE B 57 -34.84 -27.62 17.23
N GLN B 58 -35.93 -27.99 17.90
CA GLN B 58 -37.01 -28.72 17.25
C GLN B 58 -38.08 -27.84 16.77
N GLN B 59 -38.44 -26.87 17.63
CA GLN B 59 -39.49 -25.90 17.34
C GLN B 59 -39.10 -24.51 17.90
N VAL B 60 -39.63 -23.47 17.26
CA VAL B 60 -39.55 -22.08 17.69
C VAL B 60 -40.92 -21.51 17.39
N GLY B 61 -41.62 -21.00 18.39
CA GLY B 61 -42.90 -20.39 18.16
C GLY B 61 -43.50 -20.02 19.51
N ARG B 62 -44.76 -19.58 19.51
CA ARG B 62 -45.53 -19.33 20.73
C ARG B 62 -46.46 -20.49 21.01
N GLU B 63 -46.63 -20.86 22.28
CA GLU B 63 -47.61 -21.89 22.70
C GLU B 63 -47.33 -23.24 22.05
N LEU B 64 -46.13 -23.75 22.30
CA LEU B 64 -45.72 -24.98 21.65
C LEU B 64 -46.39 -26.26 22.24
N MET B 65 -46.63 -27.23 21.35
CA MET B 65 -47.10 -28.57 21.69
C MET B 65 -45.89 -29.42 22.00
N ILE B 66 -45.55 -29.59 23.27
CA ILE B 66 -44.36 -30.39 23.60
C ILE B 66 -44.66 -31.52 24.58
N PRO B 67 -43.92 -32.64 24.47
CA PRO B 67 -44.00 -33.64 25.53
C PRO B 67 -43.75 -33.03 26.94
N GLY B 68 -44.46 -33.51 27.95
CA GLY B 68 -44.25 -33.08 29.32
C GLY B 68 -42.92 -33.60 29.83
N GLY B 69 -42.49 -33.14 31.00
CA GLY B 69 -41.20 -33.55 31.57
C GLY B 69 -39.95 -32.91 30.96
N ALA B 70 -40.14 -31.82 30.21
CA ALA B 70 -39.01 -31.02 29.70
C ALA B 70 -38.44 -30.16 30.81
N LYS B 71 -37.16 -29.83 30.73
CA LYS B 71 -36.62 -28.83 31.62
C LYS B 71 -37.08 -27.48 31.06
N VAL B 72 -37.79 -26.72 31.88
CA VAL B 72 -38.33 -25.42 31.51
C VAL B 72 -37.41 -24.35 32.04
N ILE B 73 -36.96 -23.45 31.15
CA ILE B 73 -36.11 -22.33 31.51
C ILE B 73 -36.92 -21.09 31.27
N ASP B 74 -37.10 -20.32 32.33
CA ASP B 74 -37.90 -19.10 32.24
C ASP B 74 -37.01 -18.01 31.64
N ALA B 75 -37.36 -17.54 30.46
CA ALA B 75 -36.61 -16.49 29.79
C ALA B 75 -37.42 -15.19 29.65
N THR B 76 -38.40 -14.98 30.52
CA THR B 76 -39.16 -13.72 30.43
C THR B 76 -38.21 -12.64 30.75
N GLY B 77 -38.30 -11.58 29.97
CA GLY B 77 -37.39 -10.39 30.07
C GLY B 77 -36.01 -10.64 29.43
N LYS B 78 -35.80 -11.84 28.90
CA LYS B 78 -34.45 -12.21 28.37
C LYS B 78 -34.51 -12.39 26.88
N LEU B 79 -33.31 -12.43 26.29
CA LEU B 79 -33.16 -12.62 24.88
C LEU B 79 -32.58 -14.02 24.69
N VAL B 80 -33.02 -14.69 23.64
CA VAL B 80 -32.56 -16.01 23.35
C VAL B 80 -31.76 -15.85 22.05
N ILE B 81 -30.45 -16.02 22.12
CA ILE B 81 -29.58 -15.72 21.00
C ILE B 81 -28.77 -16.94 20.64
N PRO B 82 -28.24 -16.96 19.41
CA PRO B 82 -27.33 -18.04 19.06
C PRO B 82 -26.09 -17.91 19.91
N GLY B 83 -25.55 -19.02 20.42
CA GLY B 83 -24.30 -18.91 21.16
C GLY B 83 -23.23 -18.26 20.30
N GLY B 84 -22.32 -17.56 20.97
CA GLY B 84 -21.24 -16.87 20.30
C GLY B 84 -20.34 -17.88 19.58
N ILE B 85 -19.69 -17.42 18.51
CA ILE B 85 -18.69 -18.21 17.86
C ILE B 85 -17.45 -17.36 17.82
N ASP B 86 -16.38 -17.83 18.45
CA ASP B 86 -15.14 -17.07 18.56
C ASP B 86 -14.13 -17.60 17.57
N THR B 87 -13.90 -16.81 16.55
CA THR B 87 -13.11 -17.26 15.41
C THR B 87 -11.60 -17.21 15.63
N SER B 88 -11.16 -16.77 16.80
CA SER B 88 -9.73 -16.75 17.09
C SER B 88 -9.42 -17.01 18.54
N THR B 89 -8.93 -18.19 18.78
CA THR B 89 -8.48 -18.62 20.09
C THR B 89 -7.18 -19.43 20.00
N HIS B 90 -6.42 -19.39 21.11
CA HIS B 90 -5.08 -20.01 21.13
C HIS B 90 -4.93 -20.81 22.41
N PHE B 91 -5.91 -21.63 22.73
CA PHE B 91 -5.78 -22.55 23.83
C PHE B 91 -4.58 -23.46 23.64
N HIS B 92 -3.87 -23.71 24.73
CA HIS B 92 -2.68 -24.63 24.78
C HIS B 92 -1.50 -24.27 23.91
N GLN B 93 -1.45 -23.06 23.40
CA GLN B 93 -0.44 -22.75 22.43
C GLN B 93 0.82 -22.27 23.11
N THR B 94 1.95 -22.78 22.66
CA THR B 94 3.21 -22.23 23.07
C THR B 94 3.60 -21.20 22.08
N PHE B 95 3.99 -20.04 22.56
CA PHE B 95 4.27 -18.93 21.67
C PHE B 95 5.24 -17.98 22.34
N MET B 96 6.29 -17.62 21.61
CA MET B 96 7.34 -16.74 22.11
C MET B 96 7.86 -17.26 23.44
N ASN B 97 8.04 -18.58 23.53
CA ASN B 97 8.55 -19.31 24.70
C ASN B 97 7.73 -19.25 25.93
N ALA B 98 6.43 -19.08 25.75
CA ALA B 98 5.49 -19.21 26.86
C ALA B 98 4.28 -20.00 26.41
N THR B 99 3.74 -20.79 27.31
CA THR B 99 2.57 -21.59 26.99
C THR B 99 1.33 -20.94 27.54
N CYS B 100 0.37 -20.71 26.66
CA CYS B 100 -0.92 -20.13 27.07
C CYS B 100 -1.44 -20.87 28.29
N VAL B 101 -1.99 -20.10 29.20
CA VAL B 101 -2.45 -20.54 30.47
C VAL B 101 -3.71 -21.39 30.39
N ASP B 102 -4.49 -21.24 29.33
CA ASP B 102 -5.74 -22.00 29.20
C ASP B 102 -5.57 -23.09 28.20
N ASP B 103 -5.81 -24.31 28.66
CA ASP B 103 -5.87 -25.47 27.81
C ASP B 103 -7.29 -25.52 27.23
N PHE B 104 -7.58 -26.57 26.46
CA PHE B 104 -8.83 -26.65 25.74
C PHE B 104 -10.00 -26.89 26.64
N TYR B 105 -9.77 -27.39 27.84
CA TYR B 105 -10.91 -27.52 28.77
C TYR B 105 -11.26 -26.14 29.39
N HIS B 106 -10.29 -25.49 30.02
CA HIS B 106 -10.52 -24.21 30.71
C HIS B 106 -10.94 -23.11 29.75
N GLY B 107 -10.35 -23.12 28.55
CA GLY B 107 -10.67 -22.15 27.57
C GLY B 107 -12.09 -22.29 27.07
N THR B 108 -12.53 -23.51 26.80
CA THR B 108 -13.93 -23.69 26.36
C THR B 108 -14.93 -23.45 27.50
N LYS B 109 -14.56 -23.81 28.70
CA LYS B 109 -15.38 -23.49 29.87
C LYS B 109 -15.60 -21.98 29.96
N ALA B 110 -14.52 -21.25 29.91
CA ALA B 110 -14.58 -19.82 29.98
C ALA B 110 -15.40 -19.27 28.85
N ALA B 111 -15.24 -19.84 27.65
CA ALA B 111 -16.04 -19.39 26.52
C ALA B 111 -17.53 -19.49 26.83
N LEU B 112 -17.92 -20.65 27.29
CA LEU B 112 -19.28 -20.98 27.64
C LEU B 112 -19.85 -20.11 28.76
N VAL B 113 -19.07 -19.88 29.79
CA VAL B 113 -19.51 -19.02 30.88
C VAL B 113 -19.70 -17.61 30.32
N GLY B 114 -19.03 -17.30 29.20
CA GLY B 114 -19.14 -16.01 28.58
C GLY B 114 -20.15 -15.89 27.45
N GLY B 115 -20.86 -16.96 27.17
CA GLY B 115 -21.87 -16.97 26.12
C GLY B 115 -21.39 -17.33 24.74
N THR B 116 -20.20 -17.92 24.67
CA THR B 116 -19.66 -18.44 23.37
C THR B 116 -19.68 -19.96 23.40
N THR B 117 -20.25 -20.55 22.34
CA THR B 117 -20.53 -21.95 22.27
C THR B 117 -19.74 -22.67 21.16
N MET B 118 -18.95 -21.94 20.40
CA MET B 118 -17.97 -22.56 19.52
C MET B 118 -16.73 -21.71 19.49
N ILE B 119 -15.60 -22.39 19.42
CA ILE B 119 -14.32 -21.72 19.21
C ILE B 119 -13.58 -22.29 18.00
N ILE B 120 -12.80 -21.45 17.36
CA ILE B 120 -11.86 -21.92 16.32
C ILE B 120 -10.51 -21.65 16.87
N GLY B 121 -9.70 -22.70 16.99
CA GLY B 121 -8.36 -22.61 17.55
C GLY B 121 -7.38 -22.48 16.43
N HIS B 122 -6.16 -22.04 16.78
CA HIS B 122 -5.09 -21.89 15.80
C HIS B 122 -4.11 -23.04 15.88
N VAL B 123 -3.67 -23.50 14.71
CA VAL B 123 -2.57 -24.44 14.59
C VAL B 123 -1.44 -23.59 13.99
N LEU B 124 -0.25 -23.69 14.57
CA LEU B 124 0.89 -22.88 14.18
C LEU B 124 2.17 -23.73 14.07
N PRO B 125 2.34 -24.42 12.96
CA PRO B 125 3.61 -25.16 12.81
C PRO B 125 4.80 -24.25 12.63
N ASP B 126 5.92 -24.60 13.26
CA ASP B 126 7.19 -23.91 13.01
C ASP B 126 7.52 -23.97 11.52
N LYS B 127 8.30 -23.02 11.06
CA LYS B 127 8.89 -23.11 9.76
C LYS B 127 9.52 -24.48 9.52
N GLU B 128 9.33 -24.98 8.31
CA GLU B 128 9.87 -26.25 7.85
C GLU B 128 9.29 -27.46 8.51
N THR B 129 8.22 -27.33 9.29
CA THR B 129 7.58 -28.51 9.88
C THR B 129 6.20 -28.75 9.31
N SER B 130 5.72 -29.96 9.54
CA SER B 130 4.58 -30.47 8.84
C SER B 130 3.29 -29.81 9.34
N LEU B 131 2.48 -29.27 8.43
CA LEU B 131 1.19 -28.67 8.84
C LEU B 131 0.28 -29.77 9.40
N VAL B 132 0.32 -30.96 8.77
CA VAL B 132 -0.55 -32.04 9.16
C VAL B 132 -0.16 -32.52 10.58
N ASP B 133 1.12 -32.69 10.87
CA ASP B 133 1.50 -33.16 12.20
C ASP B 133 1.02 -32.14 13.25
N ALA B 134 1.21 -30.85 12.97
CA ALA B 134 0.81 -29.83 13.96
C ALA B 134 -0.71 -29.91 14.19
N TYR B 135 -1.49 -30.10 13.12
CA TYR B 135 -2.96 -30.23 13.20
C TYR B 135 -3.35 -31.45 14.02
N GLU B 136 -2.72 -32.60 13.71
CA GLU B 136 -3.02 -33.82 14.48
C GLU B 136 -2.66 -33.67 15.96
N LYS B 137 -1.56 -33.02 16.29
CA LYS B 137 -1.22 -32.79 17.68
C LYS B 137 -2.29 -31.91 18.36
N CYS B 138 -2.80 -30.91 17.64
CA CYS B 138 -3.81 -30.04 18.22
CA CYS B 138 -3.83 -30.04 18.20
C CYS B 138 -5.09 -30.84 18.43
N ARG B 139 -5.49 -31.60 17.42
CA ARG B 139 -6.66 -32.46 17.59
C ARG B 139 -6.51 -33.33 18.81
N GLY B 140 -5.33 -33.95 18.99
CA GLY B 140 -5.10 -34.80 20.17
C GLY B 140 -5.25 -34.12 21.52
N LEU B 141 -4.81 -32.87 21.61
CA LEU B 141 -5.00 -32.09 22.83
C LEU B 141 -6.42 -31.64 23.04
N ALA B 142 -7.15 -31.41 21.95
CA ALA B 142 -8.48 -30.74 22.03
C ALA B 142 -9.60 -31.77 22.17
N ASP B 143 -9.59 -32.82 21.34
CA ASP B 143 -10.75 -33.70 21.27
C ASP B 143 -11.17 -34.23 22.64
N PRO B 144 -10.20 -34.64 23.50
CA PRO B 144 -10.56 -35.16 24.83
C PRO B 144 -10.90 -34.12 25.88
N LYS B 145 -10.71 -32.82 25.57
CA LYS B 145 -10.86 -31.78 26.58
C LYS B 145 -11.98 -30.78 26.35
N VAL B 146 -12.26 -30.48 25.08
CA VAL B 146 -13.21 -29.42 24.75
C VAL B 146 -14.58 -29.65 25.39
N CYS B 147 -15.17 -28.55 25.88
CA CYS B 147 -16.52 -28.56 26.45
C CYS B 147 -17.56 -28.14 25.44
N CYS B 148 -17.13 -27.47 24.37
CA CYS B 148 -18.03 -27.02 23.32
C CYS B 148 -17.49 -27.42 21.96
N ASP B 149 -18.29 -27.25 20.92
CA ASP B 149 -17.83 -27.56 19.57
C ASP B 149 -16.70 -26.62 19.13
N TYR B 150 -15.88 -27.10 18.21
CA TYR B 150 -14.70 -26.36 17.82
C TYR B 150 -14.27 -26.77 16.46
N ALA B 151 -13.44 -25.96 15.86
CA ALA B 151 -12.69 -26.40 14.68
C ALA B 151 -11.38 -25.63 14.71
N LEU B 152 -10.57 -25.75 13.67
CA LEU B 152 -9.22 -25.24 13.67
C LEU B 152 -8.82 -24.53 12.41
N HIS B 153 -8.08 -23.44 12.57
CA HIS B 153 -7.35 -22.79 11.48
C HIS B 153 -5.96 -23.43 11.41
N VAL B 154 -5.37 -23.46 10.24
CA VAL B 154 -3.99 -23.92 10.16
C VAL B 154 -3.09 -22.84 9.63
N GLY B 155 -2.03 -22.58 10.38
CA GLY B 155 -1.01 -21.63 10.01
C GLY B 155 -0.11 -22.15 8.89
N ILE B 156 0.22 -21.24 7.97
CA ILE B 156 1.13 -21.45 6.88
C ILE B 156 2.27 -20.51 7.10
N THR B 157 3.30 -21.05 7.74
CA THR B 157 4.45 -20.29 8.16
C THR B 157 5.68 -20.46 7.27
N TRP B 158 5.54 -21.25 6.22
CA TRP B 158 6.57 -21.38 5.20
C TRP B 158 5.92 -21.95 3.93
N TRP B 159 6.66 -21.97 2.84
CA TRP B 159 6.16 -22.35 1.54
C TRP B 159 7.15 -23.28 0.77
N ALA B 160 6.62 -24.35 0.21
CA ALA B 160 7.38 -25.36 -0.52
C ALA B 160 6.33 -26.29 -1.06
N PRO B 161 6.67 -27.15 -2.08
CA PRO B 161 5.73 -28.17 -2.57
C PRO B 161 5.01 -28.97 -1.47
N LYS B 162 5.74 -29.34 -0.42
CA LYS B 162 5.14 -30.13 0.62
C LYS B 162 4.07 -29.35 1.37
N VAL B 163 4.20 -28.02 1.43
CA VAL B 163 3.17 -27.24 2.08
C VAL B 163 1.89 -27.26 1.28
N LYS B 164 1.98 -27.05 -0.03
CA LYS B 164 0.81 -27.04 -0.87
C LYS B 164 0.10 -28.38 -0.73
N ALA B 165 0.85 -29.49 -0.84
CA ALA B 165 0.20 -30.85 -0.73
C ALA B 165 -0.50 -31.05 0.66
N GLU B 166 0.09 -30.51 1.70
CA GLU B 166 -0.53 -30.63 3.01
C GLU B 166 -1.80 -29.74 3.15
N MET B 167 -1.80 -28.58 2.52
CA MET B 167 -2.98 -27.75 2.45
C MET B 167 -4.10 -28.54 1.84
N GLU B 168 -3.76 -29.25 0.81
CA GLU B 168 -4.77 -29.95 0.07
C GLU B 168 -5.34 -31.06 0.91
N THR B 169 -4.45 -31.85 1.51
CA THR B 169 -4.86 -32.94 2.36
C THR B 169 -5.79 -32.37 3.46
N LEU B 170 -5.39 -31.28 4.08
CA LEU B 170 -6.16 -30.71 5.13
C LEU B 170 -7.55 -30.31 4.71
N VAL B 171 -7.70 -29.69 3.55
CA VAL B 171 -9.05 -29.25 3.14
C VAL B 171 -9.84 -30.45 2.65
N ARG B 172 -9.19 -31.31 1.86
CA ARG B 172 -9.87 -32.47 1.29
C ARG B 172 -10.36 -33.44 2.34
N GLU B 173 -9.57 -33.73 3.37
CA GLU B 173 -10.04 -34.77 4.29
C GLU B 173 -9.95 -34.49 5.78
N LYS B 174 -9.45 -33.34 6.19
CA LYS B 174 -9.36 -33.10 7.63
C LYS B 174 -10.28 -32.00 8.15
N GLY B 175 -11.21 -31.51 7.34
CA GLY B 175 -12.22 -30.59 7.78
C GLY B 175 -11.72 -29.18 8.06
N VAL B 176 -10.73 -28.79 7.29
CA VAL B 176 -10.15 -27.47 7.40
C VAL B 176 -10.60 -26.69 6.22
N ASN B 177 -11.00 -25.44 6.43
CA ASN B 177 -11.22 -24.58 5.28
C ASN B 177 -10.62 -23.20 5.42
N SER B 178 -9.72 -23.00 6.38
CA SER B 178 -9.14 -21.67 6.57
C SER B 178 -7.71 -21.73 7.05
N PHE B 179 -6.86 -20.95 6.41
CA PHE B 179 -5.45 -20.89 6.79
C PHE B 179 -5.06 -19.52 7.27
N GLN B 180 -4.06 -19.48 8.14
CA GLN B 180 -3.62 -18.21 8.71
C GLN B 180 -2.20 -17.93 8.30
N MET B 181 -1.98 -16.73 7.81
CA MET B 181 -0.66 -16.29 7.38
CA MET B 181 -0.65 -16.30 7.38
C MET B 181 -0.26 -15.00 8.07
N PHE B 182 1.05 -14.75 8.12
CA PHE B 182 1.57 -13.57 8.77
C PHE B 182 2.47 -12.80 7.85
N MET B 183 2.30 -11.47 7.84
CA MET B 183 3.15 -10.61 7.10
C MET B 183 4.22 -10.05 7.95
N THR B 184 4.15 -10.34 9.23
CA THR B 184 5.14 -9.92 10.19
C THR B 184 5.74 -11.14 10.90
N TYR B 185 6.51 -10.94 11.96
CA TYR B 185 7.32 -12.02 12.62
C TYR B 185 8.37 -12.54 11.67
N LYS B 186 9.22 -11.64 11.27
CA LYS B 186 10.28 -11.97 10.38
C LYS B 186 11.14 -13.09 10.97
N ASP B 187 11.48 -14.04 10.13
CA ASP B 187 12.36 -15.15 10.56
C ASP B 187 11.66 -16.15 11.44
N LEU B 188 10.40 -15.90 11.74
CA LEU B 188 9.67 -16.84 12.52
C LEU B 188 8.48 -17.39 11.78
N TYR B 189 7.57 -16.50 11.39
CA TYR B 189 6.40 -16.90 10.65
C TYR B 189 6.11 -16.15 9.36
N MET B 190 6.87 -15.10 9.08
CA MET B 190 6.57 -14.23 7.98
C MET B 190 6.75 -14.95 6.64
N LEU B 191 5.84 -14.70 5.74
CA LEU B 191 5.96 -15.11 4.35
C LEU B 191 6.36 -13.90 3.52
N ARG B 192 7.23 -14.09 2.53
CA ARG B 192 7.51 -12.98 1.61
C ARG B 192 6.40 -12.85 0.53
N ASP B 193 6.41 -11.73 -0.15
CA ASP B 193 5.39 -11.41 -1.18
C ASP B 193 5.20 -12.55 -2.22
N SER B 194 6.26 -13.09 -2.81
CA SER B 194 6.10 -14.21 -3.83
C SER B 194 5.51 -15.47 -3.22
N GLU B 195 5.81 -15.69 -1.95
CA GLU B 195 5.20 -16.80 -1.20
C GLU B 195 3.75 -16.55 -0.93
N LEU B 196 3.38 -15.33 -0.46
CA LEU B 196 1.96 -15.00 -0.28
C LEU B 196 1.18 -15.16 -1.55
N TYR B 197 1.71 -14.61 -2.64
CA TYR B 197 1.06 -14.80 -3.96
C TYR B 197 0.74 -16.29 -4.23
N GLN B 198 1.74 -17.14 -4.06
CA GLN B 198 1.55 -18.60 -4.33
CA GLN B 198 1.53 -18.59 -4.35
C GLN B 198 0.58 -19.22 -3.31
N VAL B 199 0.73 -18.84 -2.05
CA VAL B 199 -0.20 -19.33 -1.00
C VAL B 199 -1.66 -18.96 -1.26
N LEU B 200 -1.90 -17.72 -1.67
CA LEU B 200 -3.29 -17.29 -1.93
C LEU B 200 -3.83 -17.98 -3.11
N HIS B 201 -2.96 -18.20 -4.09
CA HIS B 201 -3.40 -18.94 -5.28
C HIS B 201 -3.84 -20.34 -4.91
N ALA B 202 -3.04 -21.00 -4.08
CA ALA B 202 -3.39 -22.33 -3.63
C ALA B 202 -4.66 -22.33 -2.77
N CYS B 203 -4.83 -21.33 -1.91
CA CYS B 203 -6.06 -21.32 -1.05
C CYS B 203 -7.29 -21.22 -1.91
N LYS B 204 -7.23 -20.34 -2.88
CA LYS B 204 -8.33 -20.12 -3.80
C LYS B 204 -8.66 -21.40 -4.55
N ASP B 205 -7.66 -22.10 -5.05
CA ASP B 205 -7.91 -23.31 -5.84
C ASP B 205 -8.64 -24.36 -5.05
N ILE B 206 -8.46 -24.38 -3.73
CA ILE B 206 -9.12 -25.37 -2.92
C ILE B 206 -10.27 -24.82 -2.09
N GLY B 207 -10.64 -23.56 -2.29
CA GLY B 207 -11.83 -23.04 -1.70
C GLY B 207 -11.67 -22.71 -0.24
N ALA B 208 -10.48 -22.28 0.14
CA ALA B 208 -10.22 -21.99 1.53
C ALA B 208 -10.27 -20.49 1.74
N ILE B 209 -10.39 -20.12 3.00
CA ILE B 209 -10.30 -18.72 3.38
C ILE B 209 -8.89 -18.42 3.80
N ALA B 210 -8.35 -17.33 3.25
CA ALA B 210 -7.03 -16.87 3.62
C ALA B 210 -7.09 -15.77 4.64
N ARG B 211 -6.83 -16.15 5.90
CA ARG B 211 -6.67 -15.18 7.01
C ARG B 211 -5.26 -14.62 6.99
N VAL B 212 -5.12 -13.31 7.12
CA VAL B 212 -3.82 -12.71 7.13
C VAL B 212 -3.73 -11.61 8.23
N HIS B 213 -2.63 -11.70 8.96
CA HIS B 213 -2.16 -10.69 9.85
C HIS B 213 -1.17 -9.75 9.10
N ALA B 214 -1.67 -8.54 8.81
CA ALA B 214 -1.06 -7.60 7.90
C ALA B 214 -0.45 -6.39 8.62
N GLU B 215 0.77 -6.61 9.07
CA GLU B 215 1.71 -5.59 9.39
C GLU B 215 2.98 -5.87 8.63
N ASN B 216 3.69 -4.79 8.29
CA ASN B 216 4.92 -4.95 7.48
C ASN B 216 6.10 -5.51 8.30
N GLY B 217 6.45 -6.77 8.11
CA GLY B 217 7.39 -7.44 9.01
C GLY B 217 8.79 -6.89 8.99
N GLU B 218 9.25 -6.39 7.84
CA GLU B 218 10.59 -5.83 7.80
C GLU B 218 10.60 -4.55 8.59
N LEU B 219 9.53 -3.73 8.44
CA LEU B 219 9.50 -2.44 9.07
C LEU B 219 9.26 -2.61 10.56
N VAL B 220 8.49 -3.63 10.92
CA VAL B 220 8.35 -3.97 12.34
C VAL B 220 9.70 -4.34 12.95
N ALA B 221 10.43 -5.25 12.31
CA ALA B 221 11.75 -5.65 12.81
C ALA B 221 12.67 -4.42 12.95
N GLU B 222 12.72 -3.58 11.94
CA GLU B 222 13.58 -2.40 12.03
C GLU B 222 13.10 -1.46 13.14
N GLY B 223 11.79 -1.27 13.25
CA GLY B 223 11.27 -0.34 14.24
C GLY B 223 11.60 -0.81 15.65
N ALA B 224 11.49 -2.11 15.89
CA ALA B 224 11.74 -2.70 17.22
C ALA B 224 13.21 -2.49 17.57
N LYS B 225 14.08 -2.85 16.64
CA LYS B 225 15.51 -2.65 16.81
C LYS B 225 15.83 -1.17 17.05
N GLU B 226 15.20 -0.26 16.32
CA GLU B 226 15.44 1.18 16.55
C GLU B 226 15.00 1.62 17.92
N ALA B 227 13.78 1.28 18.27
CA ALA B 227 13.28 1.65 19.57
C ALA B 227 14.22 1.16 20.70
N LEU B 228 14.66 -0.10 20.64
CA LEU B 228 15.57 -0.63 21.67
C LEU B 228 16.85 0.19 21.72
N ASP B 229 17.40 0.48 20.55
CA ASP B 229 18.61 1.29 20.46
C ASP B 229 18.41 2.67 21.04
N LEU B 230 17.19 3.19 21.04
CA LEU B 230 16.90 4.50 21.66
C LEU B 230 16.62 4.40 23.16
N GLY B 231 16.80 3.23 23.74
CA GLY B 231 16.60 3.03 25.17
C GLY B 231 15.17 2.76 25.60
N ILE B 232 14.26 2.56 24.65
CA ILE B 232 12.87 2.25 24.98
C ILE B 232 12.73 0.75 25.17
N THR B 233 12.65 0.34 26.42
CA THR B 233 12.58 -1.08 26.74
C THR B 233 11.21 -1.48 27.28
N GLY B 234 10.42 -0.52 27.76
CA GLY B 234 9.13 -0.78 28.37
C GLY B 234 8.10 -1.23 27.35
N PRO B 235 6.94 -1.70 27.81
CA PRO B 235 5.87 -2.20 26.94
C PRO B 235 5.37 -1.23 25.88
N GLU B 236 5.41 0.09 26.18
CA GLU B 236 5.08 1.14 25.19
C GLU B 236 5.90 1.00 23.87
N GLY B 237 7.04 0.34 23.96
CA GLY B 237 7.82 -0.03 22.76
C GLY B 237 7.02 -0.71 21.66
N ILE B 238 6.03 -1.53 22.05
CA ILE B 238 5.20 -2.27 21.09
C ILE B 238 4.32 -1.31 20.30
N GLU B 239 3.92 -0.22 20.92
CA GLU B 239 3.15 0.85 20.22
C GLU B 239 4.12 1.74 19.38
N ILE B 240 5.25 2.12 19.96
CA ILE B 240 6.16 3.04 19.30
C ILE B 240 6.84 2.42 18.09
N SER B 241 7.16 1.14 18.22
CA SER B 241 7.90 0.44 17.20
C SER B 241 7.03 0.00 16.01
N ARG B 242 5.73 0.00 16.14
CA ARG B 242 4.91 -0.39 14.99
C ARG B 242 3.72 0.56 14.81
N PRO B 243 3.99 1.81 14.40
CA PRO B 243 2.84 2.68 14.20
C PRO B 243 1.93 2.21 13.06
N GLU B 244 0.77 2.82 12.97
CA GLU B 244 -0.31 2.21 12.25
C GLU B 244 -0.12 2.21 10.74
N GLU B 245 0.72 3.09 10.24
CA GLU B 245 1.04 3.04 8.85
C GLU B 245 1.63 1.67 8.47
N LEU B 246 2.26 0.98 9.40
CA LEU B 246 2.88 -0.34 9.02
C LEU B 246 1.78 -1.35 8.75
N GLU B 247 0.66 -1.18 9.45
CA GLU B 247 -0.53 -1.98 9.26
C GLU B 247 -1.29 -1.61 7.99
N ALA B 248 -1.50 -0.32 7.79
CA ALA B 248 -2.19 0.13 6.63
C ALA B 248 -1.43 -0.30 5.35
N GLU B 249 -0.12 -0.14 5.33
CA GLU B 249 0.66 -0.52 4.17
C GLU B 249 0.49 -2.00 3.85
N ALA B 250 0.71 -2.84 4.81
CA ALA B 250 0.61 -4.27 4.61
C ALA B 250 -0.79 -4.67 4.26
N THR B 251 -1.80 -4.01 4.84
CA THR B 251 -3.15 -4.36 4.54
C THR B 251 -3.44 -4.04 3.08
N HIS B 252 -2.94 -2.90 2.65
CA HIS B 252 -3.13 -2.48 1.29
C HIS B 252 -2.43 -3.48 0.35
N ARG B 253 -1.19 -3.83 0.67
CA ARG B 253 -0.41 -4.80 -0.17
C ARG B 253 -1.10 -6.13 -0.30
N VAL B 254 -1.62 -6.68 0.81
CA VAL B 254 -2.13 -8.05 0.67
C VAL B 254 -3.49 -8.03 -0.01
N ILE B 255 -4.25 -6.94 0.19
CA ILE B 255 -5.51 -6.84 -0.56
C ILE B 255 -5.17 -6.88 -2.08
N THR B 256 -4.17 -6.11 -2.47
CA THR B 256 -3.78 -6.06 -3.87
C THR B 256 -3.30 -7.46 -4.39
N ILE B 257 -2.44 -8.11 -3.64
CA ILE B 257 -2.02 -9.50 -3.99
C ILE B 257 -3.22 -10.40 -4.11
N ALA B 258 -4.11 -10.36 -3.13
CA ALA B 258 -5.31 -11.17 -3.16
C ALA B 258 -6.16 -10.87 -4.35
N ASN B 259 -6.31 -9.58 -4.69
CA ASN B 259 -7.17 -9.24 -5.81
C ASN B 259 -6.53 -9.79 -7.12
N ARG B 260 -5.21 -9.75 -7.21
CA ARG B 260 -4.56 -10.27 -8.41
CA ARG B 260 -4.55 -10.26 -8.41
C ARG B 260 -4.65 -11.79 -8.51
N THR B 261 -4.66 -12.51 -7.38
CA THR B 261 -4.80 -13.94 -7.45
C THR B 261 -6.23 -14.41 -7.48
N HIS B 262 -7.18 -13.47 -7.34
CA HIS B 262 -8.61 -13.79 -7.21
C HIS B 262 -8.95 -14.60 -5.98
N CYS B 263 -8.22 -14.40 -4.89
CA CYS B 263 -8.46 -15.15 -3.69
C CYS B 263 -9.16 -14.26 -2.69
N PRO B 264 -10.26 -14.73 -2.06
CA PRO B 264 -10.86 -13.92 -0.99
C PRO B 264 -9.87 -13.82 0.13
N ILE B 265 -9.79 -12.65 0.72
CA ILE B 265 -8.78 -12.30 1.69
C ILE B 265 -9.58 -11.87 2.92
N TYR B 266 -9.06 -12.28 4.08
CA TYR B 266 -9.71 -12.03 5.36
C TYR B 266 -8.69 -11.42 6.30
N LEU B 267 -8.83 -10.12 6.60
CA LEU B 267 -7.84 -9.44 7.43
C LEU B 267 -8.18 -9.72 8.91
N VAL B 268 -7.17 -9.97 9.74
CA VAL B 268 -7.40 -10.21 11.14
C VAL B 268 -6.78 -9.14 12.04
N ASN B 269 -7.35 -9.00 13.21
CA ASN B 269 -6.80 -8.08 14.21
C ASN B 269 -6.69 -6.64 13.67
N VAL B 270 -7.68 -6.22 12.88
CA VAL B 270 -7.69 -4.89 12.40
C VAL B 270 -7.65 -3.95 13.63
N SER B 271 -6.62 -3.11 13.70
CA SER B 271 -6.41 -2.28 14.92
C SER B 271 -6.56 -0.76 14.75
N SER B 272 -6.58 -0.28 13.53
CA SER B 272 -6.39 1.15 13.36
C SER B 272 -7.36 1.73 12.35
N ILE B 273 -7.50 3.03 12.46
CA ILE B 273 -8.30 3.84 11.51
C ILE B 273 -7.72 3.75 10.08
N SER B 274 -6.41 3.94 9.94
CA SER B 274 -5.71 3.82 8.64
C SER B 274 -6.01 2.46 7.98
N ALA B 275 -5.93 1.37 8.72
CA ALA B 275 -6.13 0.04 8.12
C ALA B 275 -7.62 -0.16 7.83
N GLY B 276 -8.46 0.29 8.75
CA GLY B 276 -9.91 0.30 8.44
C GLY B 276 -10.25 1.03 7.16
N ASP B 277 -9.58 2.15 6.91
CA ASP B 277 -9.85 2.95 5.72
C ASP B 277 -9.43 2.28 4.42
N VAL B 278 -8.29 1.59 4.48
CA VAL B 278 -7.82 0.79 3.34
C VAL B 278 -8.83 -0.24 3.08
N ILE B 279 -9.31 -0.91 4.13
CA ILE B 279 -10.24 -1.99 3.92
C ILE B 279 -11.56 -1.43 3.31
N ALA B 280 -12.09 -0.34 3.84
CA ALA B 280 -13.32 0.27 3.29
C ALA B 280 -13.14 0.67 1.85
N ALA B 281 -12.01 1.30 1.50
CA ALA B 281 -11.80 1.75 0.13
C ALA B 281 -11.76 0.53 -0.83
N ALA B 282 -11.13 -0.56 -0.38
CA ALA B 282 -11.03 -1.79 -1.21
C ALA B 282 -12.41 -2.33 -1.45
N LYS B 283 -13.23 -2.30 -0.39
CA LYS B 283 -14.57 -2.83 -0.47
C LYS B 283 -15.42 -1.97 -1.42
N MET B 284 -15.24 -0.67 -1.39
CA MET B 284 -15.91 0.22 -2.33
C MET B 284 -15.57 -0.16 -3.76
N GLN B 285 -14.34 -0.57 -3.99
CA GLN B 285 -13.94 -0.95 -5.35
C GLN B 285 -14.37 -2.33 -5.74
N GLY B 286 -15.22 -2.95 -4.97
CA GLY B 286 -15.73 -4.26 -5.32
C GLY B 286 -14.76 -5.41 -5.01
N LYS B 287 -13.63 -5.15 -4.38
CA LYS B 287 -12.70 -6.25 -4.01
C LYS B 287 -13.28 -7.16 -2.95
N VAL B 288 -12.90 -8.43 -3.01
CA VAL B 288 -13.43 -9.44 -2.09
C VAL B 288 -12.58 -9.54 -0.84
N VAL B 289 -13.02 -8.78 0.15
CA VAL B 289 -12.25 -8.54 1.34
C VAL B 289 -13.21 -8.69 2.48
N LEU B 290 -12.80 -9.43 3.47
CA LEU B 290 -13.54 -9.53 4.72
C LEU B 290 -12.57 -9.15 5.80
N ALA B 291 -13.09 -8.91 6.99
CA ALA B 291 -12.23 -8.47 8.05
C ALA B 291 -12.81 -8.67 9.44
N GLU B 292 -11.86 -8.91 10.35
CA GLU B 292 -12.14 -9.30 11.70
C GLU B 292 -11.36 -8.34 12.58
N THR B 293 -11.93 -8.04 13.73
CA THR B 293 -11.13 -7.38 14.74
C THR B 293 -11.30 -8.11 16.05
N THR B 294 -10.67 -7.59 17.11
CA THR B 294 -10.74 -8.16 18.44
C THR B 294 -11.48 -7.22 19.42
N THR B 295 -12.03 -7.84 20.46
CA THR B 295 -12.73 -7.12 21.50
C THR B 295 -11.87 -5.95 21.95
N ALA B 296 -10.62 -6.24 22.25
CA ALA B 296 -9.71 -5.21 22.75
C ALA B 296 -9.48 -4.13 21.72
N HIS B 297 -9.22 -4.49 20.47
CA HIS B 297 -8.97 -3.43 19.51
C HIS B 297 -10.22 -2.52 19.35
N ALA B 298 -11.39 -3.12 19.48
CA ALA B 298 -12.62 -2.43 19.30
C ALA B 298 -12.99 -1.55 20.49
N THR B 299 -12.33 -1.72 21.63
CA THR B 299 -12.79 -1.06 22.86
C THR B 299 -11.76 -0.37 23.68
N LEU B 300 -10.46 -0.69 23.54
CA LEU B 300 -9.43 -0.17 24.44
C LEU B 300 -8.42 0.67 23.74
N THR B 301 -7.73 1.58 24.47
CA THR B 301 -6.71 2.43 23.83
C THR B 301 -5.31 1.99 24.27
N GLY B 302 -4.32 2.38 23.48
CA GLY B 302 -2.93 2.09 23.82
C GLY B 302 -2.38 2.87 24.97
N LEU B 303 -3.17 3.81 25.54
CA LEU B 303 -2.76 4.55 26.74
C LEU B 303 -2.33 3.62 27.86
N HIS B 304 -2.92 2.46 27.89
CA HIS B 304 -2.49 1.42 28.82
C HIS B 304 -1.02 1.07 28.76
N TYR B 305 -0.38 1.22 27.62
CA TYR B 305 1.03 0.81 27.52
C TYR B 305 1.90 1.81 28.27
N TYR B 306 1.34 2.98 28.57
CA TYR B 306 2.09 4.02 29.24
C TYR B 306 1.79 4.07 30.74
N HIS B 307 1.08 3.07 31.25
CA HIS B 307 0.78 3.00 32.68
C HIS B 307 2.08 2.85 33.47
N GLN B 308 2.14 3.52 34.64
CA GLN B 308 3.31 3.52 35.53
C GLN B 308 3.73 2.10 35.97
N ASP B 309 2.74 1.26 36.27
CA ASP B 309 2.98 -0.12 36.62
C ASP B 309 3.30 -1.01 35.37
N TRP B 310 4.48 -1.64 35.40
CA TRP B 310 4.95 -2.43 34.30
C TRP B 310 3.98 -3.52 33.92
N SER B 311 3.49 -4.22 34.93
CA SER B 311 2.60 -5.36 34.75
C SER B 311 1.32 -5.01 34.05
N HIS B 312 0.71 -3.89 34.46
CA HIS B 312 -0.48 -3.40 33.83
C HIS B 312 -0.23 -3.16 32.34
N ALA B 313 0.82 -2.44 32.04
CA ALA B 313 1.22 -2.12 30.66
C ALA B 313 1.54 -3.35 29.82
N ALA B 314 2.26 -4.28 30.39
CA ALA B 314 2.57 -5.53 29.70
C ALA B 314 1.34 -6.31 29.41
N ALA B 315 0.35 -6.23 30.29
CA ALA B 315 -0.82 -7.08 30.15
C ALA B 315 -1.62 -6.75 28.90
N TYR B 316 -1.47 -5.56 28.34
CA TYR B 316 -2.20 -5.20 27.13
C TYR B 316 -1.41 -5.50 25.85
N VAL B 317 -0.25 -6.11 26.01
CA VAL B 317 0.65 -6.31 24.84
C VAL B 317 0.16 -7.45 23.93
N THR B 318 -0.12 -7.08 22.67
CA THR B 318 -0.54 -7.94 21.60
C THR B 318 -0.26 -7.19 20.31
N VAL B 319 -0.48 -7.80 19.16
CA VAL B 319 -0.16 -7.15 17.90
C VAL B 319 -1.29 -7.33 16.94
N PRO B 320 -1.52 -6.34 16.06
CA PRO B 320 -0.95 -5.02 16.11
C PRO B 320 -1.35 -4.39 17.45
N PRO B 321 -0.59 -3.43 17.91
CA PRO B 321 -0.88 -2.94 19.28
C PRO B 321 -2.13 -2.08 19.35
N LEU B 322 -2.68 -1.94 20.54
CA LEU B 322 -3.69 -0.95 20.75
C LEU B 322 -3.13 0.41 20.38
N ARG B 323 -3.96 1.28 19.83
CA ARG B 323 -3.56 2.60 19.34
C ARG B 323 -3.85 3.76 20.29
N LEU B 324 -3.06 4.79 20.19
CA LEU B 324 -3.24 6.00 20.96
C LEU B 324 -4.39 6.91 20.52
N ASP B 325 -4.66 6.97 19.23
CA ASP B 325 -5.70 7.85 18.73
C ASP B 325 -7.03 7.52 19.45
N THR B 326 -7.54 8.48 20.23
CA THR B 326 -8.73 8.20 21.09
C THR B 326 -10.01 7.95 20.29
N ASN B 327 -10.05 8.35 19.05
CA ASN B 327 -11.16 8.00 18.15
C ASN B 327 -11.11 6.52 17.67
N THR B 328 -10.06 5.78 17.98
CA THR B 328 -9.86 4.44 17.34
C THR B 328 -10.98 3.42 17.61
N SER B 329 -11.28 3.18 18.88
CA SER B 329 -12.39 2.34 19.35
C SER B 329 -13.69 2.68 18.67
N THR B 330 -14.11 3.92 18.73
CA THR B 330 -15.41 4.31 18.22
C THR B 330 -15.49 4.03 16.76
N TYR B 331 -14.38 4.30 16.07
CA TYR B 331 -14.38 4.12 14.64
C TYR B 331 -14.42 2.62 14.29
N LEU B 332 -13.68 1.79 15.00
CA LEU B 332 -13.69 0.36 14.74
C LEU B 332 -15.07 -0.22 15.08
N MET B 333 -15.67 0.23 16.18
CA MET B 333 -17.01 -0.20 16.53
C MET B 333 -18.04 0.18 15.45
N SER B 334 -17.96 1.42 14.96
CA SER B 334 -18.79 1.84 13.84
C SER B 334 -18.57 1.01 12.58
N LEU B 335 -17.32 0.70 12.28
CA LEU B 335 -17.02 -0.20 11.13
C LEU B 335 -17.69 -1.54 11.26
N LEU B 336 -17.68 -2.09 12.48
CA LEU B 336 -18.42 -3.33 12.81
C LEU B 336 -19.89 -3.27 12.65
N ALA B 337 -20.49 -2.20 13.19
CA ALA B 337 -21.92 -1.92 12.96
C ALA B 337 -22.26 -1.85 11.48
N ASN B 338 -21.35 -1.25 10.73
CA ASN B 338 -21.47 -0.98 9.31
C ASN B 338 -21.23 -2.16 8.34
N ASP B 339 -20.59 -3.21 8.85
CA ASP B 339 -20.08 -4.32 8.04
C ASP B 339 -18.85 -4.02 7.20
N THR B 340 -18.12 -2.96 7.52
CA THR B 340 -16.76 -2.81 7.02
C THR B 340 -15.86 -3.84 7.73
N LEU B 341 -16.12 -4.04 9.01
CA LEU B 341 -15.61 -5.19 9.72
C LEU B 341 -16.82 -6.09 9.96
N ASN B 342 -16.61 -7.38 9.81
CA ASN B 342 -17.69 -8.35 9.77
C ASN B 342 -17.87 -9.11 11.05
N ILE B 343 -16.76 -9.34 11.74
CA ILE B 343 -16.68 -10.35 12.79
C ILE B 343 -15.81 -9.85 13.92
N VAL B 344 -16.17 -10.19 15.15
CA VAL B 344 -15.31 -9.84 16.27
C VAL B 344 -14.97 -11.10 17.05
N ALA B 345 -13.67 -11.22 17.38
CA ALA B 345 -13.07 -12.40 18.02
C ALA B 345 -12.36 -11.94 19.25
N SER B 346 -12.08 -12.84 20.16
CA SER B 346 -11.25 -12.49 21.36
C SER B 346 -9.78 -12.54 21.05
N ASP B 347 -9.37 -13.47 20.17
CA ASP B 347 -7.93 -13.76 19.98
C ASP B 347 -7.31 -14.21 21.27
N HIS B 348 -8.11 -14.81 22.13
CA HIS B 348 -7.69 -15.20 23.48
C HIS B 348 -6.30 -15.94 23.50
N ARG B 349 -5.35 -15.37 24.19
CA ARG B 349 -4.11 -16.02 24.47
C ARG B 349 -3.55 -15.44 25.74
N PRO B 350 -4.09 -15.86 26.92
CA PRO B 350 -3.54 -15.25 28.09
C PRO B 350 -2.19 -15.76 28.52
N PHE B 351 -1.40 -14.85 29.07
CA PHE B 351 -0.18 -15.18 29.81
C PHE B 351 -0.22 -14.49 31.16
N THR B 352 0.48 -15.04 32.16
CA THR B 352 0.59 -14.33 33.45
C THR B 352 1.65 -13.22 33.39
N THR B 353 1.57 -12.36 34.41
CA THR B 353 2.53 -11.29 34.59
C THR B 353 3.91 -11.90 34.67
N LYS B 354 4.03 -13.02 35.38
CA LYS B 354 5.32 -13.69 35.49
C LYS B 354 5.85 -14.10 34.14
N GLN B 355 5.00 -14.64 33.27
CA GLN B 355 5.43 -15.01 31.91
C GLN B 355 5.77 -13.77 31.06
N LYS B 356 4.95 -12.71 31.19
CA LYS B 356 5.15 -11.49 30.43
C LYS B 356 6.54 -10.98 30.78
N ALA B 357 6.97 -11.21 32.03
CA ALA B 357 8.18 -10.61 32.54
C ALA B 357 9.43 -11.17 31.91
N MET B 358 9.32 -12.23 31.13
CA MET B 358 10.37 -12.56 30.18
C MET B 358 10.87 -11.31 29.46
N GLY B 359 10.00 -10.33 29.21
CA GLY B 359 10.36 -9.08 28.53
C GLY B 359 10.46 -7.84 29.41
N LYS B 360 10.73 -8.05 30.70
CA LYS B 360 10.82 -6.93 31.63
C LYS B 360 11.88 -5.92 31.22
N GLU B 361 12.91 -6.40 30.53
CA GLU B 361 13.97 -5.51 30.10
C GLU B 361 14.06 -5.35 28.61
N ASP B 362 13.23 -6.03 27.86
CA ASP B 362 13.26 -5.97 26.42
C ASP B 362 11.86 -6.24 25.95
N PHE B 363 11.16 -5.20 25.53
CA PHE B 363 9.76 -5.35 25.24
C PHE B 363 9.54 -6.33 24.11
N THR B 364 10.52 -6.47 23.22
CA THR B 364 10.34 -7.39 22.07
C THR B 364 10.23 -8.82 22.56
N LYS B 365 10.53 -9.08 23.81
CA LYS B 365 10.40 -10.46 24.35
C LYS B 365 9.13 -10.64 25.18
N ILE B 366 8.28 -9.60 25.29
CA ILE B 366 6.99 -9.80 25.97
C ILE B 366 6.13 -10.67 25.06
N PRO B 367 5.65 -11.85 25.53
CA PRO B 367 4.81 -12.63 24.62
C PRO B 367 3.46 -11.96 24.34
N HIS B 368 3.08 -12.01 23.06
CA HIS B 368 1.88 -11.34 22.56
C HIS B 368 0.68 -12.17 22.90
N GLY B 369 -0.21 -11.58 23.66
CA GLY B 369 -1.46 -12.28 24.00
C GLY B 369 -2.16 -11.54 25.12
N VAL B 370 -3.48 -11.47 25.02
CA VAL B 370 -4.32 -10.94 26.08
C VAL B 370 -5.45 -11.97 26.28
N SER B 371 -6.16 -11.85 27.40
CA SER B 371 -7.28 -12.72 27.65
C SER B 371 -8.55 -12.00 27.24
N GLY B 372 -9.59 -12.79 27.01
CA GLY B 372 -10.84 -12.23 26.53
C GLY B 372 -11.89 -13.15 26.00
N VAL B 373 -11.67 -14.47 26.00
CA VAL B 373 -12.66 -15.37 25.51
C VAL B 373 -13.95 -15.32 26.34
N GLN B 374 -13.83 -15.05 27.63
CA GLN B 374 -15.01 -14.90 28.48
C GLN B 374 -15.67 -13.53 28.35
N ASP B 375 -14.88 -12.51 28.07
CA ASP B 375 -15.35 -11.10 28.09
C ASP B 375 -16.09 -10.71 26.83
N ARG B 376 -15.75 -11.35 25.71
CA ARG B 376 -16.17 -10.88 24.40
C ARG B 376 -17.63 -10.53 24.29
N MET B 377 -18.55 -11.41 24.67
CA MET B 377 -19.98 -11.15 24.39
C MET B 377 -20.44 -9.93 25.17
N SER B 378 -20.10 -9.88 26.45
CA SER B 378 -20.60 -8.82 27.33
C SER B 378 -19.98 -7.48 26.98
N VAL B 379 -18.67 -7.51 26.69
CA VAL B 379 -17.97 -6.28 26.37
C VAL B 379 -18.54 -5.68 25.11
N ILE B 380 -18.75 -6.50 24.10
CA ILE B 380 -19.26 -5.95 22.85
C ILE B 380 -20.73 -5.51 23.00
N TRP B 381 -21.48 -6.24 23.78
CA TRP B 381 -22.80 -5.83 24.09
C TRP B 381 -22.77 -4.40 24.68
N GLU B 382 -21.91 -4.18 25.66
CA GLU B 382 -21.90 -2.92 26.40
C GLU B 382 -21.49 -1.79 25.49
N ARG B 383 -20.35 -1.94 24.82
CA ARG B 383 -19.83 -0.87 23.95
C ARG B 383 -20.54 -0.77 22.63
N GLY B 384 -21.04 -1.90 22.14
CA GLY B 384 -21.72 -1.93 20.85
C GLY B 384 -23.20 -1.57 20.90
N VAL B 385 -23.93 -2.27 21.76
CA VAL B 385 -25.39 -2.18 21.81
C VAL B 385 -25.85 -1.09 22.81
N VAL B 386 -25.40 -1.20 24.06
CA VAL B 386 -25.71 -0.15 25.04
C VAL B 386 -25.12 1.18 24.60
N GLY B 387 -23.92 1.13 24.04
CA GLY B 387 -23.26 2.31 23.48
C GLY B 387 -23.92 2.84 22.21
N GLY B 388 -24.93 2.16 21.68
CA GLY B 388 -25.69 2.78 20.59
C GLY B 388 -25.04 2.70 19.21
N LYS B 389 -24.03 1.86 19.03
CA LYS B 389 -23.38 1.72 17.70
C LYS B 389 -24.10 0.75 16.82
N MET B 390 -24.80 -0.18 17.43
CA MET B 390 -25.49 -1.20 16.67
C MET B 390 -26.59 -1.77 17.54
N ASP B 391 -27.54 -2.41 16.89
CA ASP B 391 -28.64 -3.01 17.60
C ASP B 391 -28.35 -4.49 17.89
N GLU B 392 -29.24 -5.09 18.63
CA GLU B 392 -29.06 -6.45 19.14
C GLU B 392 -28.90 -7.46 18.00
N ASN B 393 -29.51 -7.17 16.86
CA ASN B 393 -29.47 -8.07 15.73
C ASN B 393 -28.14 -8.04 15.05
N ARG B 394 -27.57 -6.83 14.92
CA ARG B 394 -26.22 -6.70 14.42
C ARG B 394 -25.24 -7.33 15.41
N PHE B 395 -25.53 -7.24 16.69
CA PHE B 395 -24.69 -7.91 17.64
C PHE B 395 -24.56 -9.42 17.41
N VAL B 396 -25.68 -10.07 17.14
CA VAL B 396 -25.68 -11.49 16.79
C VAL B 396 -24.85 -11.72 15.52
N ALA B 397 -25.01 -10.86 14.51
CA ALA B 397 -24.27 -10.96 13.26
C ALA B 397 -22.77 -10.98 13.50
N VAL B 398 -22.27 -10.06 14.35
CA VAL B 398 -20.84 -9.94 14.52
C VAL B 398 -20.29 -10.94 15.55
N THR B 399 -21.15 -11.60 16.34
CA THR B 399 -20.66 -12.49 17.34
C THR B 399 -20.92 -13.94 17.02
N SER B 400 -21.78 -14.21 16.05
CA SER B 400 -22.01 -15.61 15.63
C SER B 400 -22.34 -15.78 14.19
N SER B 401 -23.36 -15.10 13.68
CA SER B 401 -23.90 -15.44 12.35
C SER B 401 -22.94 -15.24 11.21
N ASN B 402 -22.23 -14.10 11.15
CA ASN B 402 -21.27 -13.90 10.08
C ASN B 402 -20.19 -14.98 10.11
N ALA B 403 -19.70 -15.27 11.31
CA ALA B 403 -18.68 -16.31 11.45
C ALA B 403 -19.22 -17.65 10.91
N ALA B 404 -20.42 -18.02 11.31
CA ALA B 404 -21.01 -19.24 10.86
C ALA B 404 -21.09 -19.31 9.33
N LYS B 405 -21.42 -18.20 8.69
CA LYS B 405 -21.53 -18.23 7.22
C LYS B 405 -20.13 -18.49 6.63
N LEU B 406 -19.16 -17.82 7.22
CA LEU B 406 -17.80 -17.88 6.78
C LEU B 406 -17.20 -19.30 6.88
N LEU B 407 -17.53 -19.94 7.97
CA LEU B 407 -17.12 -21.28 8.27
C LEU B 407 -17.87 -22.35 7.51
N ASN B 408 -18.91 -21.97 6.79
CA ASN B 408 -19.78 -22.90 6.16
C ASN B 408 -20.60 -23.68 7.16
N LEU B 409 -20.98 -23.04 8.27
CA LEU B 409 -21.85 -23.69 9.23
C LEU B 409 -23.20 -23.03 9.44
N TYR B 410 -23.61 -22.18 8.55
CA TYR B 410 -24.83 -21.41 8.76
C TYR B 410 -25.89 -22.05 7.91
N PRO B 411 -27.12 -22.23 8.45
CA PRO B 411 -27.78 -21.85 9.69
C PRO B 411 -27.75 -22.91 10.78
N ARG B 412 -26.96 -23.93 10.54
CA ARG B 412 -26.77 -24.95 11.55
C ARG B 412 -26.30 -24.30 12.85
N LYS B 413 -25.42 -23.31 12.74
CA LYS B 413 -24.97 -22.50 13.87
C LYS B 413 -25.29 -21.09 13.53
N GLY B 414 -25.29 -20.22 14.52
CA GLY B 414 -25.52 -18.79 14.28
C GLY B 414 -26.95 -18.39 14.03
N ARG B 415 -27.90 -19.27 14.29
CA ARG B 415 -29.29 -18.95 14.08
C ARG B 415 -30.21 -19.80 14.89
N ILE B 416 -31.20 -19.13 15.52
CA ILE B 416 -32.25 -19.85 16.24
C ILE B 416 -33.39 -20.14 15.32
N ILE B 417 -33.42 -21.38 14.80
CA ILE B 417 -34.48 -21.87 13.97
C ILE B 417 -34.59 -23.40 14.09
N PRO B 418 -35.74 -23.98 13.72
CA PRO B 418 -35.84 -25.44 13.79
C PRO B 418 -34.78 -26.11 12.93
N GLY B 419 -34.12 -27.12 13.49
CA GLY B 419 -33.07 -27.85 12.76
C GLY B 419 -31.66 -27.40 13.06
N ALA B 420 -31.47 -26.23 13.64
CA ALA B 420 -30.14 -25.78 13.95
C ALA B 420 -29.59 -26.55 15.15
N ASP B 421 -28.28 -26.57 15.30
CA ASP B 421 -27.66 -27.06 16.54
C ASP B 421 -28.11 -26.23 17.74
N ALA B 422 -28.42 -26.88 18.85
CA ALA B 422 -28.89 -26.21 20.05
C ALA B 422 -27.74 -25.66 20.86
N ASP B 423 -27.10 -24.66 20.28
CA ASP B 423 -26.09 -23.87 20.91
C ASP B 423 -26.78 -22.53 21.13
N VAL B 424 -27.20 -22.29 22.37
CA VAL B 424 -28.15 -21.23 22.69
C VAL B 424 -27.81 -20.57 24.00
N VAL B 425 -27.92 -19.25 24.01
CA VAL B 425 -27.70 -18.49 25.18
C VAL B 425 -28.96 -17.71 25.52
N VAL B 426 -29.31 -17.77 26.79
CA VAL B 426 -30.37 -16.96 27.37
C VAL B 426 -29.65 -15.79 27.98
N TRP B 427 -29.78 -14.65 27.32
CA TRP B 427 -28.98 -13.47 27.56
C TRP B 427 -29.83 -12.44 28.34
N ASP B 428 -29.32 -11.92 29.44
CA ASP B 428 -30.00 -10.90 30.24
C ASP B 428 -29.47 -9.50 29.95
N PRO B 429 -30.25 -8.69 29.23
CA PRO B 429 -29.81 -7.34 28.88
C PRO B 429 -30.10 -6.34 30.05
N GLU B 430 -30.57 -6.81 31.19
CA GLU B 430 -30.69 -5.96 32.38
C GLU B 430 -29.81 -6.41 33.56
N ALA B 431 -28.63 -6.95 33.29
CA ALA B 431 -27.77 -7.55 34.31
C ALA B 431 -27.00 -6.53 35.06
N THR B 432 -26.40 -6.97 36.17
CA THR B 432 -25.60 -6.11 37.04
C THR B 432 -24.09 -6.44 37.12
N LYS B 433 -23.50 -7.11 36.13
CA LYS B 433 -22.13 -7.59 36.33
C LYS B 433 -21.10 -6.48 36.19
N THR B 434 -20.15 -6.41 37.12
CA THR B 434 -18.92 -5.65 36.91
C THR B 434 -17.76 -6.63 36.67
N ILE B 435 -16.97 -6.41 35.63
CA ILE B 435 -15.91 -7.38 35.30
C ILE B 435 -14.74 -7.24 36.26
N SER B 436 -14.20 -8.36 36.73
CA SER B 436 -12.95 -8.35 37.50
C SER B 436 -12.13 -9.65 37.34
N ALA B 437 -10.82 -9.52 37.46
CA ALA B 437 -9.91 -10.69 37.39
C ALA B 437 -10.22 -11.68 38.50
N SER B 438 -10.61 -11.18 39.67
CA SER B 438 -10.94 -12.05 40.78
C SER B 438 -12.17 -12.96 40.55
N THR B 439 -13.10 -12.61 39.69
CA THR B 439 -14.26 -13.45 39.48
C THR B 439 -14.19 -14.21 38.14
N GLN B 440 -13.28 -13.85 37.24
CA GLN B 440 -13.26 -14.48 35.92
C GLN B 440 -12.89 -15.95 36.01
N VAL B 441 -13.39 -16.79 35.09
CA VAL B 441 -12.90 -18.16 34.99
C VAL B 441 -11.87 -18.32 33.89
N GLN B 442 -11.75 -17.39 32.96
CA GLN B 442 -10.67 -17.44 31.93
C GLN B 442 -9.33 -17.22 32.61
N GLY B 443 -8.25 -17.61 31.97
CA GLY B 443 -6.92 -17.52 32.60
C GLY B 443 -6.30 -16.12 32.46
N GLY B 444 -5.17 -15.95 33.11
CA GLY B 444 -4.51 -14.65 33.17
C GLY B 444 -4.72 -14.02 34.53
N ASP B 445 -3.80 -13.16 34.94
CA ASP B 445 -4.01 -12.50 36.25
C ASP B 445 -4.57 -11.09 36.11
N PHE B 446 -4.57 -10.56 34.90
CA PHE B 446 -5.20 -9.30 34.60
C PHE B 446 -6.44 -9.52 33.77
N ASN B 447 -7.52 -8.81 34.07
CA ASN B 447 -8.59 -8.63 33.11
C ASN B 447 -8.49 -7.24 32.49
N LEU B 448 -8.53 -7.18 31.19
CA LEU B 448 -8.30 -5.93 30.47
C LEU B 448 -9.41 -4.91 30.67
N TYR B 449 -10.60 -5.41 30.98
CA TYR B 449 -11.81 -4.66 31.21
C TYR B 449 -12.09 -4.52 32.72
N GLU B 450 -11.05 -4.60 33.53
CA GLU B 450 -11.23 -4.54 34.99
C GLU B 450 -12.15 -3.37 35.42
N ASN B 451 -13.19 -3.68 36.18
CA ASN B 451 -14.17 -2.67 36.66
C ASN B 451 -15.21 -2.15 35.70
N MET B 452 -15.27 -2.74 34.53
CA MET B 452 -16.26 -2.30 33.57
C MET B 452 -17.62 -2.86 33.98
N ARG B 453 -18.59 -1.97 34.03
CA ARG B 453 -19.96 -2.37 34.29
C ARG B 453 -20.58 -2.90 33.00
N CYS B 454 -21.19 -4.07 33.06
CA CYS B 454 -21.77 -4.72 31.89
C CYS B 454 -23.26 -5.04 32.08
N HIS B 455 -24.08 -4.58 31.15
CA HIS B 455 -25.56 -4.72 31.24
C HIS B 455 -26.11 -5.99 30.63
N GLY B 456 -25.25 -6.71 29.90
CA GLY B 456 -25.59 -7.96 29.22
C GLY B 456 -24.79 -9.12 29.74
N VAL B 457 -25.45 -10.14 30.27
CA VAL B 457 -24.70 -11.33 30.66
C VAL B 457 -25.45 -12.55 30.35
N PRO B 458 -24.70 -13.63 30.14
CA PRO B 458 -25.36 -14.85 29.88
C PRO B 458 -25.98 -15.35 31.18
N LEU B 459 -27.26 -15.66 31.13
CA LEU B 459 -27.95 -16.26 32.27
C LEU B 459 -27.86 -17.76 32.19
N VAL B 460 -28.09 -18.28 30.98
CA VAL B 460 -27.99 -19.71 30.74
C VAL B 460 -27.24 -19.89 29.45
N THR B 461 -26.39 -20.93 29.44
CA THR B 461 -25.69 -21.35 28.22
C THR B 461 -25.99 -22.80 27.95
N ILE B 462 -26.47 -23.04 26.73
CA ILE B 462 -26.78 -24.36 26.25
C ILE B 462 -25.88 -24.71 25.05
N SER B 463 -25.24 -25.86 25.13
CA SER B 463 -24.28 -26.32 24.17
C SER B 463 -24.61 -27.75 23.82
N ARG B 464 -24.77 -28.02 22.52
CA ARG B 464 -25.17 -29.35 22.05
C ARG B 464 -26.42 -29.79 22.82
N GLY B 465 -27.32 -28.85 23.08
CA GLY B 465 -28.65 -29.22 23.65
C GLY B 465 -28.61 -29.60 25.10
N ARG B 466 -27.55 -29.20 25.79
CA ARG B 466 -27.48 -29.40 27.22
C ARG B 466 -27.13 -28.09 27.86
N VAL B 467 -27.68 -27.90 29.03
CA VAL B 467 -27.36 -26.78 29.85
C VAL B 467 -26.01 -27.02 30.48
N VAL B 468 -25.07 -26.11 30.26
CA VAL B 468 -23.74 -26.27 30.78
C VAL B 468 -23.43 -25.20 31.79
N TYR B 469 -24.21 -24.12 31.77
CA TYR B 469 -24.02 -23.02 32.69
C TYR B 469 -25.36 -22.43 33.04
N GLU B 470 -25.62 -22.27 34.33
CA GLU B 470 -26.93 -21.85 34.83
C GLU B 470 -26.78 -21.52 36.32
N ASN B 471 -27.53 -20.52 36.77
CA ASN B 471 -27.46 -20.04 38.17
C ASN B 471 -26.00 -19.83 38.60
N GLY B 472 -25.18 -19.27 37.72
CA GLY B 472 -23.75 -19.08 38.01
C GLY B 472 -22.91 -20.36 38.15
N VAL B 473 -23.47 -21.54 37.90
CA VAL B 473 -22.73 -22.78 38.04
C VAL B 473 -22.47 -23.42 36.66
N PHE B 474 -21.24 -23.87 36.49
CA PHE B 474 -20.83 -24.52 35.30
C PHE B 474 -20.73 -25.97 35.56
N MET B 475 -21.19 -26.71 34.61
CA MET B 475 -21.13 -28.09 34.85
C MET B 475 -21.04 -28.69 33.46
N CYS B 476 -19.94 -29.37 33.09
CA CYS B 476 -19.82 -30.05 31.76
C CYS B 476 -18.59 -30.91 31.78
N ALA B 477 -18.68 -32.14 31.27
CA ALA B 477 -17.56 -33.03 31.31
C ALA B 477 -16.60 -32.69 30.16
N GLU B 478 -15.33 -32.86 30.43
CA GLU B 478 -14.34 -32.56 29.43
C GLU B 478 -14.51 -33.52 28.26
N GLY B 479 -14.42 -33.01 27.04
CA GLY B 479 -14.56 -33.88 25.86
C GLY B 479 -15.97 -34.04 25.37
N THR B 480 -16.90 -33.28 25.92
CA THR B 480 -18.29 -33.27 25.49
C THR B 480 -18.41 -32.58 24.14
N GLY B 481 -17.60 -31.55 23.93
CA GLY B 481 -17.65 -30.84 22.69
C GLY B 481 -17.13 -31.68 21.54
N LYS B 482 -17.44 -31.30 20.32
CA LYS B 482 -16.90 -32.00 19.14
C LYS B 482 -16.27 -31.09 18.07
N PHE B 483 -15.27 -31.66 17.42
CA PHE B 483 -14.70 -31.12 16.23
C PHE B 483 -15.76 -31.06 15.14
N CYS B 484 -15.80 -29.94 14.41
CA CYS B 484 -16.79 -29.79 13.37
C CYS B 484 -16.06 -29.55 12.09
N PRO B 485 -15.99 -30.58 11.24
CA PRO B 485 -15.34 -30.34 9.96
C PRO B 485 -15.97 -29.19 9.21
N LEU B 486 -15.13 -28.39 8.59
CA LEU B 486 -15.56 -27.24 7.86
C LEU B 486 -15.39 -27.51 6.37
N ARG B 487 -16.48 -27.46 5.63
CA ARG B 487 -16.44 -27.73 4.19
C ARG B 487 -15.84 -26.53 3.44
N SER B 488 -15.06 -26.81 2.40
CA SER B 488 -14.50 -25.82 1.51
C SER B 488 -15.55 -25.04 0.64
N PHE B 489 -15.10 -23.97 0.00
CA PHE B 489 -15.92 -23.09 -0.83
C PHE B 489 -17.17 -22.56 -0.11
N PRO B 490 -17.04 -21.97 1.06
CA PRO B 490 -18.29 -21.32 1.67
C PRO B 490 -18.94 -20.28 0.76
N ASP B 491 -20.20 -20.49 0.51
CA ASP B 491 -21.00 -19.71 -0.41
C ASP B 491 -20.94 -18.20 -0.24
N THR B 492 -20.89 -17.77 1.01
CA THR B 492 -21.03 -16.37 1.32
C THR B 492 -19.86 -15.62 0.75
N VAL B 493 -18.73 -16.27 0.56
CA VAL B 493 -17.67 -15.68 -0.22
C VAL B 493 -17.63 -16.18 -1.65
N TYR B 494 -17.61 -17.51 -1.82
CA TYR B 494 -17.25 -18.08 -3.13
C TYR B 494 -18.36 -18.02 -4.18
N LYS B 495 -19.64 -17.93 -3.78
CA LYS B 495 -20.75 -17.99 -4.77
C LYS B 495 -20.64 -16.86 -5.78
N LYS B 496 -20.35 -15.67 -5.30
CA LYS B 496 -20.21 -14.55 -6.21
C LYS B 496 -18.98 -14.61 -7.03
N LEU B 497 -17.90 -15.21 -6.53
CA LEU B 497 -16.62 -15.33 -7.25
C LEU B 497 -16.75 -16.19 -8.51
N VAL B 498 -17.67 -17.12 -8.53
CA VAL B 498 -17.92 -17.90 -9.75
C VAL B 498 -18.36 -17.01 -10.89
N GLN B 499 -19.36 -16.17 -10.63
CA GLN B 499 -19.82 -15.27 -11.65
C GLN B 499 -18.77 -14.21 -11.94
N ARG B 500 -18.14 -13.69 -10.91
CA ARG B 500 -17.11 -12.65 -11.11
CA ARG B 500 -17.14 -12.65 -11.14
C ARG B 500 -15.98 -13.18 -12.01
N GLU B 501 -15.61 -14.46 -11.86
CA GLU B 501 -14.52 -15.06 -12.63
C GLU B 501 -14.89 -15.10 -14.10
N LYS B 502 -16.15 -15.33 -14.47
CA LYS B 502 -16.55 -15.15 -15.89
C LYS B 502 -16.47 -13.70 -16.36
N THR B 503 -16.71 -12.79 -15.44
CA THR B 503 -16.69 -11.37 -15.72
C THR B 503 -15.29 -10.84 -16.13
N LEU B 504 -14.23 -11.43 -15.59
CA LEU B 504 -12.87 -11.01 -15.90
C LEU B 504 -12.52 -11.72 -17.22
N LYS B 505 -13.17 -11.39 -18.33
CA LYS B 505 -12.90 -12.03 -19.62
C LYS B 505 -11.89 -11.12 -20.25
N VAL B 506 -10.62 -11.48 -20.28
CA VAL B 506 -9.66 -10.58 -20.89
C VAL B 506 -9.26 -11.14 -22.25
N ARG B 507 -9.48 -10.38 -23.32
CA ARG B 507 -9.03 -10.81 -24.62
C ARG B 507 -8.16 -9.73 -25.28
N GLY B 508 -7.24 -10.18 -26.13
CA GLY B 508 -6.42 -9.27 -26.90
C GLY B 508 -7.26 -8.53 -27.95
N VAL B 509 -6.57 -7.71 -28.72
CA VAL B 509 -7.14 -7.11 -29.92
C VAL B 509 -6.80 -8.07 -31.07
N ASP B 510 -7.75 -8.28 -31.97
CA ASP B 510 -7.46 -9.08 -33.14
C ASP B 510 -6.90 -8.14 -34.16
N ARG B 511 -5.67 -8.41 -34.55
CA ARG B 511 -5.00 -7.65 -35.55
C ARG B 511 -4.61 -8.66 -36.62
N THR B 512 -4.17 -8.16 -37.76
CA THR B 512 -3.39 -9.05 -38.64
C THR B 512 -1.91 -8.92 -38.15
N PRO B 513 -1.07 -9.97 -38.36
CA PRO B 513 0.28 -9.99 -37.74
C PRO B 513 1.30 -9.02 -38.36
N TYR B 514 2.08 -8.32 -37.51
CA TYR B 514 2.96 -7.22 -37.92
C TYR B 514 3.71 -7.41 -39.28
C1 EDO C . 19.53 45.01 -12.09
O1 EDO C . 18.79 44.67 -13.31
C2 EDO C . 21.07 45.05 -12.30
O2 EDO C . 21.88 44.23 -11.41
C1 EDO D . -26.42 -7.43 10.18
O1 EDO D . -26.25 -8.48 9.22
C2 EDO D . -27.91 -7.30 10.59
O2 EDO D . -28.15 -7.05 12.00
#